data_5ZQV
#
_entry.id   5ZQV
#
_cell.length_a   111.973
_cell.length_b   111.973
_cell.length_c   195.299
_cell.angle_alpha   90.000
_cell.angle_beta   90.000
_cell.angle_gamma   90.000
#
_symmetry.space_group_name_H-M   'P 41'
#
loop_
_entity.id
_entity.type
_entity.pdbx_description
1 polymer 'Serine/threonine-protein phosphatase PP1-alpha catalytic subunit'
2 polymer 'Protein phosphatase 1 regulatory subunit 3A'
3 non-polymer 'MANGANESE (II) ION'
4 non-polymer 'CITRATE ANION'
#
loop_
_entity_poly.entity_id
_entity_poly.type
_entity_poly.pdbx_seq_one_letter_code
_entity_poly.pdbx_strand_id
1 'polypeptide(L)'
;MSDSEKLNLDSIIGRLLEVQGSRPGKNVQLTENEIRGLCLKSREIFLSQPILLELEAPLKICGDIHGQYYDLLRLFEYGG
FPPESNYLFLGDYVDRGKQSLETICLLLAYKIRYPENFFLLRGNHECASINRIYGFYDECKRRYNIKLWKTFTDCFNCLP
IAAIVDEKIFCCHGGLSPDLQSMEQIRRIMRPTDVPDQGLLCDLLWSDPDKDVQGWGENDRGVSFTFGAEVVAKFLHKHD
LDLICRAHQVVEDGYEFFAKRQLVTLFSAPNYCGEFDNAGAMMSVDETLMCSFQILKPADKNKGKYGQFSGLNPGGRPIT
PPRNSAKAKKHHHHHH
;
A,B,C,D
2 'polypeptide(L)'
;MEPSEVPSQISKDNFLEVPNLSDSLCEDEEVTFQPGFSPQPSRRGSDSSEDIYLDTPSSGTRRVSFADSFGFNLVSVKEF
DSWELPSASTTFDLGTDIF
;
E,F,G,H
#
# COMPACT_ATOMS: atom_id res chain seq x y z
N LYS A 6 37.60 30.51 -9.89
CA LYS A 6 37.53 29.05 -9.98
C LYS A 6 36.11 28.62 -10.32
N LEU A 7 35.52 27.81 -9.45
CA LEU A 7 34.21 27.20 -9.66
C LEU A 7 33.21 27.85 -8.72
N ASN A 8 32.60 28.94 -9.18
CA ASN A 8 31.52 29.55 -8.42
C ASN A 8 30.31 28.63 -8.47
N LEU A 9 30.42 27.48 -7.79
CA LEU A 9 29.40 26.43 -7.90
C LEU A 9 28.04 26.91 -7.41
N ASP A 10 28.02 27.76 -6.37
CA ASP A 10 26.75 28.29 -5.89
C ASP A 10 26.12 29.21 -6.93
N SER A 11 26.93 30.01 -7.63
CA SER A 11 26.40 30.87 -8.68
C SER A 11 25.87 30.06 -9.85
N ILE A 12 26.53 28.94 -10.16
CA ILE A 12 26.07 28.09 -11.26
C ILE A 12 24.73 27.45 -10.90
N ILE A 13 24.60 26.94 -9.69
CA ILE A 13 23.32 26.37 -9.25
C ILE A 13 22.26 27.46 -9.18
N GLY A 14 22.65 28.66 -8.77
CA GLY A 14 21.69 29.75 -8.67
C GLY A 14 21.13 30.15 -10.02
N ARG A 15 22.00 30.35 -11.00
CA ARG A 15 21.53 30.73 -12.35
C ARG A 15 20.75 29.59 -13.00
N LEU A 16 21.04 28.34 -12.63
CA LEU A 16 20.28 27.22 -13.18
C LEU A 16 18.88 27.16 -12.58
N LEU A 17 18.77 27.34 -11.26
CA LEU A 17 17.47 27.35 -10.60
C LEU A 17 16.71 28.65 -10.78
N GLU A 18 17.27 29.61 -11.52
CA GLU A 18 16.63 30.92 -11.69
C GLU A 18 15.33 30.83 -12.48
N VAL A 19 15.14 29.77 -13.28
CA VAL A 19 14.00 29.68 -14.17
C VAL A 19 12.89 28.89 -13.48
N GLN A 20 13.05 28.64 -12.18
CA GLN A 20 12.00 28.00 -11.40
C GLN A 20 10.70 28.78 -11.52
N GLY A 21 9.66 28.12 -12.02
CA GLY A 21 8.36 28.74 -12.17
C GLY A 21 8.21 29.66 -13.36
N SER A 22 9.24 29.83 -14.18
CA SER A 22 9.13 30.68 -15.36
C SER A 22 8.38 29.94 -16.47
N ARG A 23 8.07 30.69 -17.53
CA ARG A 23 7.38 30.11 -18.68
C ARG A 23 8.22 28.99 -19.29
N PRO A 24 7.57 28.00 -19.91
CA PRO A 24 8.34 26.88 -20.48
C PRO A 24 9.17 27.32 -21.67
N GLY A 25 10.45 26.92 -21.67
CA GLY A 25 11.34 27.17 -22.78
C GLY A 25 12.47 28.14 -22.51
N LYS A 26 12.54 28.73 -21.31
CA LYS A 26 13.58 29.70 -21.00
C LYS A 26 14.87 28.97 -20.63
N ASN A 27 15.93 29.20 -21.40
CA ASN A 27 17.18 28.50 -21.22
C ASN A 27 18.03 29.17 -20.13
N VAL A 28 19.11 28.48 -19.75
CA VAL A 28 20.12 29.01 -18.83
C VAL A 28 21.46 28.81 -19.52
N GLN A 29 22.04 29.89 -20.04
CA GLN A 29 23.27 29.81 -20.80
C GLN A 29 24.46 30.04 -19.87
N LEU A 30 25.02 28.95 -19.36
CA LEU A 30 26.29 29.04 -18.65
C LEU A 30 27.43 29.17 -19.66
N THR A 31 28.51 29.82 -19.23
CA THR A 31 29.64 29.99 -20.12
C THR A 31 30.34 28.65 -20.35
N GLU A 32 30.99 28.54 -21.51
CA GLU A 32 31.67 27.30 -21.87
C GLU A 32 32.64 26.85 -20.80
N ASN A 33 33.32 27.80 -20.14
CA ASN A 33 34.29 27.43 -19.12
C ASN A 33 33.62 26.92 -17.86
N GLU A 34 32.45 27.47 -17.51
CA GLU A 34 31.71 26.98 -16.36
C GLU A 34 31.28 25.52 -16.56
N ILE A 35 30.78 25.21 -17.76
CA ILE A 35 30.34 23.85 -18.05
C ILE A 35 31.54 22.90 -18.09
N ARG A 36 32.61 23.32 -18.76
CA ARG A 36 33.81 22.47 -18.82
C ARG A 36 34.36 22.20 -17.43
N GLY A 37 34.24 23.16 -16.52
CA GLY A 37 34.62 22.92 -15.15
C GLY A 37 33.70 21.93 -14.45
N LEU A 38 32.42 21.90 -14.82
CA LEU A 38 31.50 20.93 -14.24
C LEU A 38 31.88 19.51 -14.63
N CYS A 39 32.12 19.28 -15.92
CA CYS A 39 32.50 17.94 -16.37
C CYS A 39 33.81 17.48 -15.75
N LEU A 40 34.80 18.37 -15.68
CA LEU A 40 36.12 17.95 -15.22
C LEU A 40 36.16 17.70 -13.71
N LYS A 41 35.38 18.45 -12.93
CA LYS A 41 35.38 18.24 -11.49
C LYS A 41 34.51 17.07 -11.07
N SER A 42 33.40 16.82 -11.78
CA SER A 42 32.58 15.66 -11.48
C SER A 42 33.27 14.37 -11.91
N ARG A 43 33.89 14.36 -13.09
CA ARG A 43 34.70 13.21 -13.51
C ARG A 43 35.77 12.88 -12.49
N GLU A 44 36.32 13.89 -11.82
CA GLU A 44 37.24 13.65 -10.72
C GLU A 44 36.54 12.90 -9.58
N ILE A 45 35.32 13.31 -9.26
CA ILE A 45 34.58 12.65 -8.19
C ILE A 45 34.16 11.26 -8.60
N PHE A 46 33.66 11.10 -9.83
CA PHE A 46 33.20 9.79 -10.30
C PHE A 46 34.32 8.77 -10.26
N LEU A 47 35.53 9.15 -10.69
CA LEU A 47 36.64 8.21 -10.71
C LEU A 47 37.14 7.86 -9.32
N SER A 48 36.91 8.74 -8.34
CA SER A 48 37.32 8.44 -6.96
C SER A 48 36.34 7.49 -6.28
N GLN A 49 35.05 7.68 -6.52
CA GLN A 49 34.05 6.79 -5.95
C GLN A 49 34.00 5.47 -6.73
N PRO A 50 33.72 4.37 -6.04
CA PRO A 50 33.76 3.05 -6.71
C PRO A 50 32.80 2.99 -7.88
N ILE A 51 33.21 2.26 -8.92
CA ILE A 51 32.35 2.09 -10.10
C ILE A 51 31.07 1.38 -9.71
N LEU A 52 31.13 0.50 -8.71
CA LEU A 52 29.94 -0.14 -8.14
C LEU A 52 29.66 0.55 -6.80
N LEU A 53 28.71 1.48 -6.81
CA LEU A 53 28.39 2.25 -5.62
C LEU A 53 27.77 1.36 -4.55
N GLU A 54 28.06 1.68 -3.29
CA GLU A 54 27.50 0.99 -2.13
C GLU A 54 26.90 2.04 -1.22
N LEU A 55 25.60 2.27 -1.35
CA LEU A 55 24.92 3.36 -0.67
C LEU A 55 24.15 2.84 0.55
N GLU A 56 23.67 3.79 1.36
CA GLU A 56 22.90 3.48 2.55
C GLU A 56 21.62 4.31 2.55
N ALA A 57 20.53 3.68 2.99
CA ALA A 57 19.23 4.34 3.07
C ALA A 57 19.19 5.28 4.27
N PRO A 58 18.29 6.29 4.25
CA PRO A 58 17.26 6.60 3.26
C PRO A 58 17.77 7.38 2.05
N LEU A 59 17.19 7.10 0.88
CA LEU A 59 17.51 7.83 -0.34
C LEU A 59 16.33 7.70 -1.29
N LYS A 60 16.35 8.53 -2.34
CA LYS A 60 15.27 8.55 -3.33
C LYS A 60 15.85 8.28 -4.71
N ILE A 61 15.25 7.32 -5.41
CA ILE A 61 15.74 6.86 -6.71
C ILE A 61 14.88 7.45 -7.81
N CYS A 62 15.54 8.01 -8.83
CA CYS A 62 14.89 8.52 -10.02
C CYS A 62 15.28 7.68 -11.22
N GLY A 63 14.46 7.77 -12.27
CA GLY A 63 14.72 7.05 -13.50
C GLY A 63 15.31 7.93 -14.59
N ASP A 64 14.66 7.95 -15.74
CA ASP A 64 15.13 8.72 -16.88
C ASP A 64 14.52 10.11 -16.87
N ILE A 65 15.36 11.12 -17.06
CA ILE A 65 14.91 12.51 -17.16
C ILE A 65 14.81 12.96 -18.60
N HIS A 66 15.81 12.60 -19.41
CA HIS A 66 15.80 12.85 -20.86
C HIS A 66 15.56 14.33 -21.17
N GLY A 67 16.41 15.18 -20.62
CA GLY A 67 16.45 16.59 -20.95
C GLY A 67 15.19 17.38 -20.66
N GLN A 68 14.27 16.80 -19.88
CA GLN A 68 13.08 17.51 -19.44
C GLN A 68 13.45 18.29 -18.19
N TYR A 69 14.11 19.44 -18.41
CA TYR A 69 14.71 20.18 -17.30
C TYR A 69 13.64 20.69 -16.34
N TYR A 70 12.58 21.31 -16.87
CA TYR A 70 11.50 21.77 -16.00
C TYR A 70 10.89 20.61 -15.22
N ASP A 71 10.70 19.46 -15.88
CA ASP A 71 10.15 18.29 -15.19
C ASP A 71 11.11 17.79 -14.13
N LEU A 72 12.42 17.89 -14.37
CA LEU A 72 13.39 17.57 -13.34
C LEU A 72 13.25 18.49 -12.14
N LEU A 73 13.05 19.79 -12.39
CA LEU A 73 12.84 20.73 -11.29
C LEU A 73 11.60 20.37 -10.50
N ARG A 74 10.55 19.89 -11.18
CA ARG A 74 9.36 19.44 -10.47
C ARG A 74 9.66 18.23 -9.60
N LEU A 75 10.55 17.34 -10.06
CA LEU A 75 10.96 16.21 -9.23
C LEU A 75 11.73 16.68 -8.00
N PHE A 76 12.62 17.67 -8.18
CA PHE A 76 13.37 18.20 -7.04
C PHE A 76 12.46 18.97 -6.08
N GLU A 77 11.38 19.56 -6.59
CA GLU A 77 10.45 20.27 -5.72
C GLU A 77 9.77 19.31 -4.75
N TYR A 78 9.25 18.19 -5.27
CA TYR A 78 8.49 17.28 -4.42
C TYR A 78 9.39 16.50 -3.47
N GLY A 79 10.43 15.86 -4.00
CA GLY A 79 11.31 15.05 -3.17
C GLY A 79 12.26 15.84 -2.31
N GLY A 80 12.31 17.15 -2.48
CA GLY A 80 13.23 17.98 -1.73
C GLY A 80 14.45 18.34 -2.53
N PHE A 81 14.89 19.60 -2.45
CA PHE A 81 16.11 19.98 -3.13
C PHE A 81 17.32 19.56 -2.30
N PRO A 82 18.40 19.09 -2.95
CA PRO A 82 19.61 18.67 -2.25
C PRO A 82 20.14 19.76 -1.31
N PRO A 83 20.61 19.36 -0.12
CA PRO A 83 20.69 17.97 0.33
C PRO A 83 19.59 17.55 1.29
N GLU A 84 18.33 17.89 0.98
CA GLU A 84 17.22 17.45 1.83
C GLU A 84 17.07 15.94 1.80
N SER A 85 17.31 15.32 0.65
CA SER A 85 17.25 13.88 0.50
C SER A 85 18.41 13.43 -0.38
N ASN A 86 18.99 12.28 -0.03
CA ASN A 86 19.96 11.67 -0.93
C ASN A 86 19.25 11.21 -2.20
N TYR A 87 19.96 11.31 -3.33
CA TYR A 87 19.37 11.03 -4.64
C TYR A 87 20.23 10.03 -5.40
N LEU A 88 19.56 9.10 -6.07
CA LEU A 88 20.20 8.21 -7.03
C LEU A 88 19.48 8.33 -8.35
N PHE A 89 20.23 8.57 -9.42
CA PHE A 89 19.69 8.65 -10.77
C PHE A 89 20.22 7.49 -11.59
N LEU A 90 19.37 6.92 -12.44
CA LEU A 90 19.72 5.73 -13.19
C LEU A 90 20.28 6.03 -14.57
N GLY A 91 20.41 7.29 -14.94
CA GLY A 91 20.96 7.66 -16.22
C GLY A 91 19.91 8.19 -17.17
N ASP A 92 20.31 8.31 -18.43
CA ASP A 92 19.47 8.88 -19.49
C ASP A 92 18.99 10.28 -19.12
N TYR A 93 19.98 11.16 -18.88
CA TYR A 93 19.67 12.54 -18.57
C TYR A 93 19.51 13.39 -19.83
N VAL A 94 20.24 13.06 -20.89
CA VAL A 94 20.23 13.85 -22.11
C VAL A 94 19.28 13.23 -23.12
N ASP A 95 19.24 13.81 -24.32
CA ASP A 95 18.50 13.29 -25.48
C ASP A 95 16.99 13.40 -25.33
N ARG A 96 16.30 13.58 -26.46
CA ARG A 96 14.85 13.56 -26.57
C ARG A 96 14.19 14.76 -25.87
N GLY A 97 14.94 15.45 -25.03
CA GLY A 97 14.44 16.61 -24.34
C GLY A 97 14.94 17.90 -24.97
N LYS A 98 14.19 18.97 -24.74
CA LYS A 98 14.55 20.26 -25.32
C LYS A 98 15.72 20.91 -24.59
N GLN A 99 16.01 20.50 -23.35
CA GLN A 99 17.05 21.13 -22.53
C GLN A 99 17.90 20.03 -21.89
N SER A 100 18.73 19.39 -22.70
CA SER A 100 19.65 18.39 -22.17
C SER A 100 20.79 19.04 -21.38
N LEU A 101 21.16 20.27 -21.74
CA LEU A 101 22.31 20.91 -21.12
C LEU A 101 22.01 21.35 -19.69
N GLU A 102 20.91 22.08 -19.48
CA GLU A 102 20.54 22.47 -18.13
C GLU A 102 20.32 21.25 -17.26
N THR A 103 19.76 20.18 -17.83
CA THR A 103 19.51 18.97 -17.07
C THR A 103 20.80 18.38 -16.51
N ILE A 104 21.76 18.07 -17.40
CA ILE A 104 23.00 17.45 -16.96
C ILE A 104 23.83 18.40 -16.10
N CYS A 105 23.75 19.71 -16.38
CA CYS A 105 24.55 20.68 -15.64
C CYS A 105 24.10 20.76 -14.18
N LEU A 106 22.79 20.91 -13.95
CA LEU A 106 22.28 20.95 -12.58
C LEU A 106 22.54 19.63 -11.86
N LEU A 107 22.59 18.52 -12.60
CA LEU A 107 22.87 17.24 -11.97
C LEU A 107 24.35 17.13 -11.60
N LEU A 108 25.25 17.47 -12.53
CA LEU A 108 26.67 17.42 -12.22
C LEU A 108 27.06 18.46 -11.18
N ALA A 109 26.35 19.59 -11.14
CA ALA A 109 26.66 20.61 -10.13
C ALA A 109 26.34 20.11 -8.73
N TYR A 110 25.15 19.52 -8.55
CA TYR A 110 24.80 18.92 -7.26
C TYR A 110 25.75 17.77 -6.91
N LYS A 111 26.23 17.04 -7.91
CA LYS A 111 27.18 15.97 -7.65
C LYS A 111 28.49 16.51 -7.07
N ILE A 112 28.91 17.69 -7.51
CA ILE A 112 30.09 18.31 -6.93
C ILE A 112 29.77 18.93 -5.57
N ARG A 113 28.56 19.46 -5.41
CA ARG A 113 28.22 20.17 -4.19
C ARG A 113 28.04 19.22 -3.01
N TYR A 114 27.35 18.10 -3.23
CA TYR A 114 27.13 17.09 -2.18
C TYR A 114 27.49 15.72 -2.73
N PRO A 115 28.79 15.44 -2.91
CA PRO A 115 29.19 14.16 -3.52
C PRO A 115 28.92 12.95 -2.64
N GLU A 116 28.71 13.14 -1.34
CA GLU A 116 28.36 12.04 -0.45
C GLU A 116 26.86 11.89 -0.27
N ASN A 117 26.05 12.77 -0.87
CA ASN A 117 24.60 12.68 -0.74
C ASN A 117 23.89 12.86 -2.08
N PHE A 118 24.60 12.68 -3.19
CA PHE A 118 24.03 12.81 -4.53
C PHE A 118 24.83 11.91 -5.46
N PHE A 119 24.13 11.11 -6.25
CA PHE A 119 24.79 10.09 -7.05
C PHE A 119 24.13 9.97 -8.41
N LEU A 120 24.93 9.63 -9.42
CA LEU A 120 24.48 9.55 -10.80
C LEU A 120 25.04 8.28 -11.43
N LEU A 121 24.15 7.48 -12.02
CA LEU A 121 24.54 6.26 -12.71
C LEU A 121 24.46 6.46 -14.22
N ARG A 122 25.18 5.61 -14.94
CA ARG A 122 25.34 5.75 -16.38
C ARG A 122 24.22 5.04 -17.12
N GLY A 123 23.56 5.76 -18.03
CA GLY A 123 22.58 5.18 -18.91
C GLY A 123 23.14 4.96 -20.31
N ASN A 124 22.36 4.26 -21.13
CA ASN A 124 22.78 3.95 -22.50
C ASN A 124 22.86 5.19 -23.37
N HIS A 125 22.26 6.31 -22.96
CA HIS A 125 22.40 7.56 -23.70
C HIS A 125 23.67 8.33 -23.34
N GLU A 126 24.32 7.97 -22.22
CA GLU A 126 25.60 8.56 -21.85
C GLU A 126 26.73 7.85 -22.61
N CYS A 127 26.57 7.84 -23.94
CA CYS A 127 27.50 7.20 -24.87
C CYS A 127 27.60 8.05 -26.12
N ALA A 128 28.81 8.11 -26.69
CA ALA A 128 29.02 8.95 -27.87
C ALA A 128 28.20 8.46 -29.06
N SER A 129 27.97 7.15 -29.15
CA SER A 129 27.25 6.60 -30.30
C SER A 129 25.75 6.88 -30.24
N ILE A 130 25.22 7.22 -29.07
CA ILE A 130 23.77 7.39 -28.92
C ILE A 130 23.40 8.86 -28.90
N ASN A 131 23.99 9.63 -27.98
CA ASN A 131 23.60 11.04 -27.85
C ASN A 131 24.07 11.90 -29.02
N ARG A 132 24.90 11.35 -29.92
CA ARG A 132 25.22 12.04 -31.16
C ARG A 132 24.03 12.08 -32.09
N ILE A 133 23.08 11.16 -31.93
CA ILE A 133 21.97 11.03 -32.86
C ILE A 133 20.66 11.54 -32.27
N TYR A 134 20.44 11.41 -30.96
CA TYR A 134 19.13 11.67 -30.36
C TYR A 134 19.05 13.03 -29.66
N GLY A 135 19.70 14.05 -30.20
CA GLY A 135 19.41 15.44 -29.86
C GLY A 135 20.45 16.14 -29.02
N PHE A 136 21.18 15.39 -28.19
CA PHE A 136 22.11 16.04 -27.26
C PHE A 136 23.26 16.72 -28.01
N TYR A 137 23.93 15.99 -28.90
CA TYR A 137 25.03 16.58 -29.65
C TYR A 137 24.55 17.76 -30.50
N ASP A 138 23.35 17.65 -31.07
CA ASP A 138 22.77 18.79 -31.76
C ASP A 138 22.59 19.96 -30.81
N GLU A 139 22.17 19.70 -29.57
CA GLU A 139 21.99 20.76 -28.60
C GLU A 139 23.32 21.38 -28.19
N CYS A 140 24.41 20.62 -28.26
CA CYS A 140 25.72 21.18 -27.93
C CYS A 140 26.27 22.03 -29.08
N LYS A 141 26.05 21.60 -30.32
CA LYS A 141 26.52 22.40 -31.46
C LYS A 141 25.81 23.75 -31.50
N ARG A 142 24.54 23.79 -31.10
CA ARG A 142 23.76 25.01 -31.25
C ARG A 142 24.14 26.04 -30.19
N ARG A 143 24.09 25.65 -28.92
CA ARG A 143 24.35 26.59 -27.84
C ARG A 143 25.83 26.76 -27.54
N TYR A 144 26.68 25.82 -27.98
CA TYR A 144 28.11 25.94 -27.77
C TYR A 144 28.87 25.39 -28.97
N ASN A 145 29.92 24.61 -28.72
CA ASN A 145 30.76 24.09 -29.78
C ASN A 145 30.80 22.57 -29.74
N ILE A 146 31.45 21.99 -30.75
CA ILE A 146 31.64 20.54 -30.79
C ILE A 146 32.55 20.09 -29.65
N LYS A 147 33.57 20.89 -29.34
CA LYS A 147 34.56 20.49 -28.34
C LYS A 147 33.93 20.25 -26.98
N LEU A 148 32.85 20.96 -26.66
CA LEU A 148 32.17 20.71 -25.40
C LEU A 148 31.50 19.34 -25.39
N TRP A 149 30.92 18.94 -26.52
CA TRP A 149 30.31 17.61 -26.62
C TRP A 149 31.36 16.52 -26.40
N LYS A 150 32.54 16.66 -27.01
CA LYS A 150 33.60 15.69 -26.77
C LYS A 150 34.09 15.74 -25.34
N THR A 151 34.05 16.93 -24.71
CA THR A 151 34.36 17.02 -23.28
C THR A 151 33.28 16.37 -22.43
N PHE A 152 32.02 16.43 -22.88
CA PHE A 152 30.95 15.73 -22.19
C PHE A 152 31.12 14.21 -22.31
N THR A 153 31.52 13.74 -23.49
CA THR A 153 31.69 12.30 -23.69
C THR A 153 32.77 11.74 -22.77
N ASP A 154 33.90 12.43 -22.67
CA ASP A 154 34.98 12.00 -21.78
C ASP A 154 34.60 12.06 -20.31
N CYS A 155 33.49 12.73 -19.97
CA CYS A 155 32.98 12.66 -18.61
C CYS A 155 31.97 11.54 -18.43
N PHE A 156 31.11 11.32 -19.42
CA PHE A 156 30.13 10.24 -19.34
C PHE A 156 30.81 8.89 -19.30
N ASN A 157 31.95 8.74 -19.99
CA ASN A 157 32.69 7.49 -19.99
C ASN A 157 33.19 7.10 -18.59
N CYS A 158 33.07 7.99 -17.61
CA CYS A 158 33.53 7.73 -16.24
C CYS A 158 32.40 7.61 -15.23
N LEU A 159 31.15 7.68 -15.67
CA LEU A 159 30.03 7.53 -14.75
C LEU A 159 30.00 6.11 -14.17
N PRO A 160 29.61 5.97 -12.90
CA PRO A 160 29.47 4.62 -12.33
C PRO A 160 28.27 3.90 -12.92
N ILE A 161 28.36 2.57 -12.92
CA ILE A 161 27.42 1.75 -13.70
C ILE A 161 26.24 1.28 -12.85
N ALA A 162 26.49 0.82 -11.62
CA ALA A 162 25.42 0.26 -10.81
C ALA A 162 25.65 0.60 -9.35
N ALA A 163 24.61 0.41 -8.54
CA ALA A 163 24.64 0.68 -7.12
C ALA A 163 23.86 -0.39 -6.38
N ILE A 164 24.32 -0.71 -5.17
CA ILE A 164 23.66 -1.64 -4.27
C ILE A 164 23.33 -0.90 -2.98
N VAL A 165 22.04 -0.78 -2.68
CA VAL A 165 21.56 -0.02 -1.54
C VAL A 165 21.32 -0.99 -0.38
N ASP A 166 22.17 -0.89 0.65
CA ASP A 166 22.03 -1.66 1.89
C ASP A 166 22.01 -3.17 1.64
N GLU A 167 22.77 -3.64 0.66
CA GLU A 167 22.92 -5.06 0.35
C GLU A 167 21.59 -5.72 0.01
N LYS A 168 20.58 -4.95 -0.38
CA LYS A 168 19.27 -5.51 -0.68
C LYS A 168 18.64 -4.99 -1.96
N ILE A 169 19.00 -3.81 -2.46
CA ILE A 169 18.43 -3.26 -3.69
C ILE A 169 19.56 -3.07 -4.70
N PHE A 170 19.49 -3.81 -5.80
CA PHE A 170 20.44 -3.70 -6.89
C PHE A 170 19.88 -2.76 -7.94
N CYS A 171 20.65 -1.74 -8.31
CA CYS A 171 20.18 -0.69 -9.20
C CYS A 171 21.12 -0.51 -10.38
N CYS A 172 20.58 -0.57 -11.58
CA CYS A 172 21.29 -0.17 -12.79
C CYS A 172 20.27 0.39 -13.77
N HIS A 173 20.76 0.91 -14.89
CA HIS A 173 19.85 1.52 -15.85
C HIS A 173 19.06 0.46 -16.61
N GLY A 174 19.75 -0.47 -17.25
CA GLY A 174 19.09 -1.49 -18.06
C GLY A 174 18.50 -2.63 -17.26
N GLY A 175 19.27 -3.68 -17.06
CA GLY A 175 18.79 -4.81 -16.29
C GLY A 175 19.87 -5.85 -16.14
N LEU A 176 19.44 -7.08 -15.85
CA LEU A 176 20.36 -8.17 -15.61
C LEU A 176 21.14 -8.51 -16.89
N SER A 177 22.21 -9.27 -16.70
CA SER A 177 23.06 -9.70 -17.80
C SER A 177 23.36 -11.19 -17.65
N PRO A 178 23.37 -11.95 -18.75
CA PRO A 178 23.73 -13.36 -18.65
C PRO A 178 25.16 -13.57 -18.22
N ASP A 179 26.06 -12.66 -18.59
CA ASP A 179 27.46 -12.76 -18.18
C ASP A 179 27.68 -12.32 -16.73
N LEU A 180 26.71 -11.62 -16.13
CA LEU A 180 26.84 -11.12 -14.77
C LEU A 180 26.69 -12.28 -13.80
N GLN A 181 27.81 -12.72 -13.22
CA GLN A 181 27.80 -13.81 -12.25
C GLN A 181 28.16 -13.34 -10.85
N SER A 182 29.22 -12.55 -10.70
CA SER A 182 29.63 -12.03 -9.41
C SER A 182 29.80 -10.52 -9.50
N MET A 183 29.66 -9.86 -8.35
CA MET A 183 29.80 -8.40 -8.29
C MET A 183 31.21 -7.94 -8.61
N GLU A 184 32.21 -8.80 -8.46
CA GLU A 184 33.57 -8.44 -8.83
C GLU A 184 33.69 -8.18 -10.33
N GLN A 185 32.85 -8.82 -11.14
CA GLN A 185 32.85 -8.54 -12.57
C GLN A 185 32.44 -7.10 -12.88
N ILE A 186 31.53 -6.54 -12.08
CA ILE A 186 31.16 -5.14 -12.27
C ILE A 186 32.31 -4.23 -11.86
N ARG A 187 32.93 -4.49 -10.71
CA ARG A 187 34.07 -3.70 -10.26
C ARG A 187 35.29 -3.87 -11.16
N ARG A 188 35.39 -4.99 -11.86
CA ARG A 188 36.56 -5.25 -12.71
C ARG A 188 36.66 -4.23 -13.84
N ILE A 189 35.53 -3.71 -14.32
CA ILE A 189 35.53 -2.79 -15.44
C ILE A 189 36.22 -1.50 -15.05
N MET A 190 37.31 -1.17 -15.75
CA MET A 190 38.09 0.03 -15.46
C MET A 190 37.54 1.19 -16.29
N ARG A 191 37.39 2.34 -15.65
CA ARG A 191 36.91 3.55 -16.33
C ARG A 191 38.09 4.43 -16.72
N PRO A 192 37.95 5.23 -17.80
CA PRO A 192 36.76 5.38 -18.66
C PRO A 192 36.63 4.33 -19.75
N THR A 193 35.40 4.03 -20.15
CA THR A 193 35.14 3.12 -21.25
C THR A 193 33.96 3.62 -22.06
N ASP A 194 33.92 3.19 -23.31
CA ASP A 194 32.73 3.36 -24.14
C ASP A 194 31.72 2.27 -23.78
N VAL A 195 30.44 2.56 -24.00
CA VAL A 195 29.40 1.56 -23.82
C VAL A 195 29.57 0.54 -24.95
N PRO A 196 30.05 -0.66 -24.66
CA PRO A 196 30.52 -1.55 -25.72
C PRO A 196 29.38 -2.10 -26.57
N ASP A 197 29.77 -2.81 -27.63
CA ASP A 197 28.80 -3.36 -28.56
C ASP A 197 27.98 -4.49 -27.94
N GLN A 198 28.57 -5.23 -27.01
CA GLN A 198 27.87 -6.32 -26.33
C GLN A 198 28.58 -6.57 -25.00
N GLY A 199 28.04 -7.50 -24.24
CA GLY A 199 28.70 -7.98 -23.04
C GLY A 199 28.03 -7.53 -21.76
N LEU A 200 28.80 -7.60 -20.67
CA LEU A 200 28.27 -7.30 -19.35
C LEU A 200 27.85 -5.83 -19.23
N LEU A 201 28.73 -4.92 -19.63
CA LEU A 201 28.41 -3.50 -19.53
C LEU A 201 27.28 -3.10 -20.45
N CYS A 202 27.25 -3.69 -21.65
CA CYS A 202 26.19 -3.38 -22.61
C CYS A 202 24.82 -3.78 -22.07
N ASP A 203 24.71 -4.97 -21.49
CA ASP A 203 23.42 -5.44 -20.98
C ASP A 203 22.97 -4.64 -19.77
N LEU A 204 23.90 -4.29 -18.88
CA LEU A 204 23.55 -3.50 -17.70
C LEU A 204 22.93 -2.15 -18.07
N LEU A 205 23.14 -1.69 -19.30
CA LEU A 205 22.58 -0.44 -19.76
C LEU A 205 21.48 -0.61 -20.80
N TRP A 206 21.28 -1.83 -21.33
CA TRP A 206 20.37 -2.03 -22.45
C TRP A 206 19.33 -3.12 -22.25
N SER A 207 19.57 -4.11 -21.38
CA SER A 207 18.64 -5.23 -21.27
C SER A 207 17.34 -4.80 -20.60
N ASP A 208 16.28 -5.52 -20.92
CA ASP A 208 14.93 -5.25 -20.42
C ASP A 208 14.35 -6.51 -19.82
N PRO A 209 13.36 -6.37 -18.92
CA PRO A 209 12.61 -7.55 -18.47
C PRO A 209 11.41 -7.82 -19.37
N ASP A 210 11.16 -9.11 -19.61
CA ASP A 210 10.04 -9.53 -20.44
C ASP A 210 9.31 -10.67 -19.73
N LYS A 211 7.98 -10.60 -19.72
CA LYS A 211 7.19 -11.60 -19.02
C LYS A 211 7.02 -12.88 -19.83
N ASP A 212 7.04 -12.79 -21.16
CA ASP A 212 6.81 -13.94 -22.02
C ASP A 212 8.06 -14.77 -22.27
N VAL A 213 9.19 -14.40 -21.70
CA VAL A 213 10.45 -15.11 -21.92
C VAL A 213 10.81 -15.88 -20.66
N GLN A 214 10.87 -17.20 -20.77
CA GLN A 214 11.42 -18.02 -19.69
C GLN A 214 12.93 -18.09 -19.89
N GLY A 215 13.63 -17.16 -19.26
CA GLY A 215 15.07 -17.07 -19.44
C GLY A 215 15.51 -15.87 -20.23
N TRP A 216 16.47 -16.08 -21.14
CA TRP A 216 17.04 -15.00 -21.94
C TRP A 216 16.54 -15.11 -23.38
N GLY A 217 16.06 -13.99 -23.92
CA GLY A 217 15.64 -13.94 -25.31
C GLY A 217 16.17 -12.69 -25.98
N GLU A 218 16.11 -12.71 -27.31
CA GLU A 218 16.63 -11.60 -28.09
C GLU A 218 15.78 -10.36 -27.88
N ASN A 219 16.44 -9.20 -27.83
CA ASN A 219 15.80 -7.93 -27.52
C ASN A 219 15.28 -7.27 -28.79
N ASP A 220 14.18 -6.53 -28.64
CA ASP A 220 13.59 -5.83 -29.78
C ASP A 220 14.50 -4.75 -30.33
N ARG A 221 15.26 -4.09 -29.46
CA ARG A 221 16.12 -2.99 -29.88
C ARG A 221 17.27 -3.45 -30.77
N GLY A 222 17.50 -4.75 -30.90
CA GLY A 222 18.68 -5.27 -31.55
C GLY A 222 19.94 -5.21 -30.71
N VAL A 223 19.83 -4.80 -29.45
CA VAL A 223 20.97 -4.70 -28.53
C VAL A 223 20.58 -5.37 -27.22
N SER A 224 21.47 -6.21 -26.70
CA SER A 224 21.28 -6.91 -25.44
C SER A 224 20.13 -7.91 -25.50
N PHE A 225 19.56 -8.25 -24.35
CA PHE A 225 18.60 -9.34 -24.23
C PHE A 225 17.36 -8.90 -23.47
N THR A 226 16.38 -9.80 -23.45
CA THR A 226 15.27 -9.75 -22.51
C THR A 226 15.43 -10.89 -21.53
N PHE A 227 15.12 -10.65 -20.26
CA PHE A 227 15.20 -11.69 -19.24
C PHE A 227 13.83 -11.87 -18.59
N GLY A 228 13.62 -13.04 -18.01
CA GLY A 228 12.34 -13.43 -17.47
C GLY A 228 12.28 -13.38 -15.95
N ALA A 229 11.06 -13.59 -15.45
CA ALA A 229 10.83 -13.58 -14.01
C ALA A 229 11.64 -14.65 -13.29
N GLU A 230 11.95 -15.76 -13.97
CA GLU A 230 12.77 -16.78 -13.35
C GLU A 230 14.21 -16.30 -13.17
N VAL A 231 14.74 -15.58 -14.16
CA VAL A 231 16.11 -15.08 -14.06
C VAL A 231 16.22 -14.07 -12.92
N VAL A 232 15.18 -13.27 -12.71
CA VAL A 232 15.17 -12.32 -11.60
C VAL A 232 15.26 -13.04 -10.27
N ALA A 233 14.44 -14.09 -10.11
CA ALA A 233 14.40 -14.80 -8.84
C ALA A 233 15.72 -15.52 -8.55
N LYS A 234 16.28 -16.20 -9.54
CA LYS A 234 17.54 -16.90 -9.32
C LYS A 234 18.69 -15.93 -9.08
N PHE A 235 18.64 -14.74 -9.68
CA PHE A 235 19.68 -13.74 -9.43
C PHE A 235 19.59 -13.19 -8.01
N LEU A 236 18.39 -12.77 -7.59
CA LEU A 236 18.20 -12.26 -6.25
C LEU A 236 18.59 -13.29 -5.20
N HIS A 237 18.28 -14.57 -5.45
CA HIS A 237 18.60 -15.62 -4.48
C HIS A 237 20.10 -15.86 -4.40
N LYS A 238 20.81 -15.71 -5.52
CA LYS A 238 22.24 -16.00 -5.55
C LYS A 238 23.03 -14.96 -4.78
N HIS A 239 22.61 -13.70 -4.83
CA HIS A 239 23.34 -12.59 -4.25
C HIS A 239 22.69 -12.04 -2.98
N ASP A 240 21.65 -12.69 -2.47
CA ASP A 240 20.95 -12.26 -1.25
C ASP A 240 20.44 -10.83 -1.39
N LEU A 241 19.73 -10.56 -2.49
CA LEU A 241 19.11 -9.27 -2.74
C LEU A 241 17.60 -9.45 -2.79
N ASP A 242 16.88 -8.37 -2.50
CA ASP A 242 15.43 -8.43 -2.38
C ASP A 242 14.68 -7.68 -3.47
N LEU A 243 15.36 -6.81 -4.23
CA LEU A 243 14.67 -6.01 -5.23
C LEU A 243 15.68 -5.45 -6.22
N ILE A 244 15.30 -5.44 -7.50
CA ILE A 244 16.11 -4.86 -8.57
C ILE A 244 15.38 -3.63 -9.09
N CYS A 245 16.08 -2.49 -9.09
CA CYS A 245 15.52 -1.22 -9.49
C CYS A 245 16.19 -0.75 -10.78
N ARG A 246 15.38 -0.45 -11.79
CA ARG A 246 15.91 -0.12 -13.11
C ARG A 246 14.99 0.88 -13.79
N ALA A 247 15.41 1.34 -14.97
CA ALA A 247 14.66 2.33 -15.75
C ALA A 247 14.59 1.92 -17.21
N HIS A 248 15.09 2.78 -18.10
CA HIS A 248 15.33 2.45 -19.51
C HIS A 248 14.05 2.25 -20.32
N GLN A 249 12.91 2.08 -19.65
CA GLN A 249 11.64 1.82 -20.33
C GLN A 249 10.56 2.73 -19.78
N VAL A 250 9.85 3.43 -20.67
CA VAL A 250 8.74 4.27 -20.26
C VAL A 250 7.58 3.39 -19.81
N VAL A 251 6.98 3.76 -18.68
CA VAL A 251 5.81 3.06 -18.15
C VAL A 251 4.74 4.10 -17.81
N GLU A 252 3.49 3.65 -17.83
CA GLU A 252 2.36 4.58 -17.72
C GLU A 252 2.40 5.36 -16.42
N ASP A 253 2.54 4.67 -15.29
CA ASP A 253 2.49 5.31 -13.97
C ASP A 253 3.87 5.69 -13.45
N GLY A 254 4.90 5.67 -14.29
CA GLY A 254 6.23 6.07 -13.86
C GLY A 254 6.95 4.99 -13.08
N TYR A 255 6.17 4.12 -12.45
CA TYR A 255 6.68 2.93 -11.77
C TYR A 255 5.86 1.73 -12.22
N GLU A 256 6.53 0.59 -12.33
CA GLU A 256 5.87 -0.62 -12.82
C GLU A 256 6.57 -1.84 -12.23
N PHE A 257 5.78 -2.71 -11.61
CA PHE A 257 6.32 -3.90 -10.98
C PHE A 257 6.50 -5.03 -12.00
N PHE A 258 7.26 -6.04 -11.58
CA PHE A 258 7.57 -7.18 -12.43
C PHE A 258 8.02 -8.33 -11.55
N ALA A 259 7.57 -9.54 -11.90
CA ALA A 259 7.95 -10.76 -11.19
C ALA A 259 7.56 -10.70 -9.72
N LYS A 260 6.30 -10.33 -9.46
CA LYS A 260 5.75 -10.26 -8.11
C LYS A 260 6.59 -9.34 -7.22
N ARG A 261 6.75 -8.10 -7.69
CA ARG A 261 7.44 -7.05 -6.94
C ARG A 261 8.90 -7.42 -6.64
N GLN A 262 9.49 -8.32 -7.43
CA GLN A 262 10.91 -8.59 -7.32
C GLN A 262 11.76 -7.61 -8.11
N LEU A 263 11.16 -6.91 -9.07
CA LEU A 263 11.83 -5.87 -9.85
C LEU A 263 10.85 -4.73 -10.07
N VAL A 264 11.37 -3.51 -10.07
CA VAL A 264 10.55 -2.33 -10.31
C VAL A 264 11.21 -1.49 -11.41
N THR A 265 10.41 -1.00 -12.34
CA THR A 265 10.88 -0.13 -13.40
C THR A 265 10.49 1.31 -13.07
N LEU A 266 11.46 2.21 -13.12
CA LEU A 266 11.24 3.61 -12.83
C LEU A 266 11.41 4.45 -14.09
N PHE A 267 10.60 5.50 -14.20
CA PHE A 267 10.72 6.46 -15.28
C PHE A 267 10.27 7.81 -14.76
N SER A 268 11.20 8.76 -14.70
CA SER A 268 10.98 10.02 -14.01
C SER A 268 10.54 11.15 -14.92
N ALA A 269 10.48 10.92 -16.24
CA ALA A 269 10.18 11.98 -17.19
C ALA A 269 8.72 11.91 -17.63
N PRO A 270 7.82 12.71 -17.05
CA PRO A 270 6.42 12.66 -17.47
C PRO A 270 6.22 13.34 -18.81
N ASN A 271 5.20 12.88 -19.54
CA ASN A 271 4.94 13.33 -20.90
C ASN A 271 6.20 13.20 -21.76
N TYR A 272 6.69 11.95 -21.86
CA TYR A 272 7.94 11.65 -22.53
C TYR A 272 8.02 12.24 -23.92
N CYS A 273 8.81 13.31 -24.06
CA CYS A 273 9.02 14.07 -25.30
C CYS A 273 7.72 14.34 -26.05
N GLY A 274 6.60 14.42 -25.32
CA GLY A 274 5.34 14.83 -25.87
C GLY A 274 4.53 13.78 -26.59
N GLU A 275 5.14 12.64 -26.95
CA GLU A 275 4.43 11.62 -27.70
C GLU A 275 3.72 10.59 -26.83
N PHE A 276 3.85 10.69 -25.51
CA PHE A 276 3.17 9.76 -24.60
C PHE A 276 2.39 10.55 -23.56
N ASP A 277 1.28 9.97 -23.10
CA ASP A 277 0.48 10.53 -22.03
C ASP A 277 0.81 9.90 -20.67
N ASN A 278 2.06 9.47 -20.50
CA ASN A 278 2.46 8.74 -19.30
C ASN A 278 2.62 9.69 -18.12
N ALA A 279 3.17 9.17 -17.03
CA ALA A 279 3.49 9.95 -15.85
C ALA A 279 4.91 9.65 -15.41
N GLY A 280 5.44 10.51 -14.56
CA GLY A 280 6.79 10.38 -14.02
C GLY A 280 6.73 10.09 -12.53
N ALA A 281 7.59 9.16 -12.09
CA ALA A 281 7.58 8.74 -10.70
C ALA A 281 9.00 8.54 -10.21
N MET A 282 9.17 8.63 -8.89
CA MET A 282 10.43 8.34 -8.24
C MET A 282 10.16 7.54 -6.97
N MET A 283 11.05 6.62 -6.66
CA MET A 283 10.87 5.69 -5.56
C MET A 283 11.61 6.19 -4.33
N SER A 284 10.90 6.25 -3.20
CA SER A 284 11.46 6.74 -1.94
C SER A 284 11.67 5.56 -1.01
N VAL A 285 12.92 5.39 -0.55
CA VAL A 285 13.29 4.35 0.39
C VAL A 285 13.72 5.01 1.69
N ASP A 286 13.12 4.58 2.80
CA ASP A 286 13.49 5.13 4.10
C ASP A 286 14.55 4.23 4.75
N GLU A 287 14.81 4.46 6.04
CA GLU A 287 15.85 3.70 6.73
C GLU A 287 15.44 2.26 7.00
N THR A 288 14.14 1.97 7.03
CA THR A 288 13.65 0.61 7.22
C THR A 288 13.61 -0.18 5.92
N LEU A 289 14.24 0.32 4.86
CA LEU A 289 14.20 -0.29 3.53
C LEU A 289 12.77 -0.54 3.07
N MET A 290 11.86 0.34 3.46
CA MET A 290 10.48 0.34 2.99
C MET A 290 10.31 1.36 1.89
N CYS A 291 9.61 0.97 0.83
CA CYS A 291 9.59 1.73 -0.42
C CYS A 291 8.25 2.43 -0.61
N SER A 292 8.29 3.73 -0.87
CA SER A 292 7.14 4.51 -1.28
C SER A 292 7.41 5.11 -2.64
N PHE A 293 6.34 5.41 -3.38
CA PHE A 293 6.45 6.01 -4.70
C PHE A 293 5.83 7.40 -4.70
N GLN A 294 6.54 8.35 -5.29
CA GLN A 294 6.08 9.73 -5.45
C GLN A 294 5.97 10.02 -6.94
N ILE A 295 4.77 10.34 -7.41
CA ILE A 295 4.48 10.40 -8.83
C ILE A 295 4.15 11.82 -9.25
N LEU A 296 4.68 12.23 -10.41
CA LEU A 296 4.27 13.45 -11.08
C LEU A 296 3.38 13.08 -12.26
N LYS A 297 2.19 13.68 -12.34
CA LYS A 297 1.24 13.35 -13.39
C LYS A 297 0.72 14.63 -14.04
N PRO A 298 0.65 14.69 -15.37
CA PRO A 298 -0.02 15.81 -16.03
C PRO A 298 -1.53 15.62 -16.04
N ALA A 299 -2.23 16.72 -16.28
CA ALA A 299 -3.69 16.69 -16.31
C ALA A 299 -4.22 17.03 -17.70
N LEU B 7 -9.59 17.58 10.23
CA LEU B 7 -9.37 16.18 10.56
C LEU B 7 -8.48 15.51 9.52
N ASN B 8 -7.20 15.37 9.85
CA ASN B 8 -6.25 14.67 8.98
C ASN B 8 -6.38 13.18 9.25
N LEU B 9 -7.26 12.53 8.49
CA LEU B 9 -7.55 11.12 8.74
C LEU B 9 -6.35 10.24 8.41
N ASP B 10 -5.62 10.58 7.34
CA ASP B 10 -4.41 9.81 7.02
C ASP B 10 -3.37 9.89 8.13
N SER B 11 -3.32 11.02 8.84
CA SER B 11 -2.44 11.12 9.99
C SER B 11 -2.87 10.18 11.11
N ILE B 12 -4.17 10.00 11.28
CA ILE B 12 -4.67 9.12 12.33
C ILE B 12 -4.45 7.66 11.97
N ILE B 13 -4.88 7.26 10.77
CA ILE B 13 -4.69 5.89 10.33
C ILE B 13 -3.20 5.54 10.30
N GLY B 14 -2.36 6.48 9.86
CA GLY B 14 -0.93 6.21 9.79
C GLY B 14 -0.31 5.98 11.15
N ARG B 15 -0.72 6.76 12.15
CA ARG B 15 -0.19 6.58 13.50
C ARG B 15 -0.68 5.28 14.11
N LEU B 16 -1.92 4.89 13.81
CA LEU B 16 -2.44 3.61 14.29
C LEU B 16 -1.73 2.44 13.62
N LEU B 17 -1.40 2.59 12.33
CA LEU B 17 -0.77 1.52 11.58
C LEU B 17 0.73 1.43 11.80
N GLU B 18 1.36 2.48 12.33
CA GLU B 18 2.81 2.48 12.48
C GLU B 18 3.28 1.39 13.46
N VAL B 19 2.45 1.09 14.46
CA VAL B 19 2.81 0.08 15.46
C VAL B 19 2.88 -1.31 14.84
N GLN B 20 2.17 -1.53 13.73
CA GLN B 20 2.25 -2.78 12.99
C GLN B 20 3.71 -3.16 12.72
N GLY B 21 4.05 -4.41 13.02
CA GLY B 21 5.43 -4.85 12.91
C GLY B 21 6.30 -4.30 14.01
N SER B 22 5.89 -4.51 15.26
CA SER B 22 6.66 -4.12 16.43
C SER B 22 6.24 -5.01 17.59
N ARG B 23 7.05 -4.99 18.64
CA ARG B 23 6.81 -5.88 19.78
C ARG B 23 5.42 -5.60 20.35
N PRO B 24 4.58 -6.62 20.51
CA PRO B 24 3.20 -6.37 20.94
C PRO B 24 3.13 -5.68 22.29
N GLY B 25 2.27 -4.67 22.37
CA GLY B 25 2.07 -3.92 23.60
C GLY B 25 2.34 -2.43 23.46
N LYS B 26 2.40 -1.94 22.22
CA LYS B 26 2.69 -0.54 21.95
C LYS B 26 1.37 0.19 21.68
N ASN B 27 0.98 1.05 22.62
CA ASN B 27 -0.27 1.79 22.49
C ASN B 27 -0.11 2.94 21.50
N VAL B 28 -1.25 3.48 21.05
CA VAL B 28 -1.30 4.62 20.14
C VAL B 28 -2.21 5.65 20.79
N GLN B 29 -1.62 6.69 21.37
CA GLN B 29 -2.37 7.69 22.11
C GLN B 29 -2.70 8.85 21.18
N LEU B 30 -3.80 8.73 20.47
CA LEU B 30 -4.33 9.85 19.71
C LEU B 30 -4.83 10.93 20.66
N THR B 31 -4.90 12.16 20.16
CA THR B 31 -5.37 13.25 21.00
C THR B 31 -6.86 13.10 21.29
N GLU B 32 -7.28 13.67 22.43
CA GLU B 32 -8.68 13.59 22.83
C GLU B 32 -9.61 14.11 21.74
N ASN B 33 -9.25 15.22 21.10
CA ASN B 33 -10.08 15.77 20.04
C ASN B 33 -10.05 14.89 18.80
N GLU B 34 -8.89 14.28 18.51
CA GLU B 34 -8.81 13.35 17.38
C GLU B 34 -9.78 12.20 17.56
N ILE B 35 -9.77 11.58 18.74
CA ILE B 35 -10.69 10.48 19.02
C ILE B 35 -12.13 10.98 19.01
N ARG B 36 -12.37 12.17 19.57
CA ARG B 36 -13.71 12.75 19.52
C ARG B 36 -14.13 13.03 18.09
N GLY B 37 -13.22 13.52 17.26
CA GLY B 37 -13.55 13.78 15.87
C GLY B 37 -13.96 12.52 15.11
N LEU B 38 -13.35 11.37 15.46
CA LEU B 38 -13.73 10.12 14.80
C LEU B 38 -15.14 9.69 15.18
N CYS B 39 -15.54 9.91 16.43
CA CYS B 39 -16.86 9.50 16.86
C CYS B 39 -17.94 10.36 16.21
N LEU B 40 -17.74 11.67 16.14
CA LEU B 40 -18.76 12.57 15.61
C LEU B 40 -18.96 12.37 14.11
N LYS B 41 -17.86 12.15 13.38
CA LYS B 41 -17.97 11.95 11.94
C LYS B 41 -18.48 10.55 11.59
N SER B 42 -18.11 9.54 12.37
CA SER B 42 -18.61 8.19 12.12
C SER B 42 -20.09 8.07 12.49
N ARG B 43 -20.48 8.73 13.59
CA ARG B 43 -21.90 8.79 13.93
C ARG B 43 -22.69 9.50 12.82
N GLU B 44 -22.07 10.49 12.19
CA GLU B 44 -22.70 11.14 11.03
C GLU B 44 -22.91 10.15 9.89
N ILE B 45 -21.95 9.25 9.69
CA ILE B 45 -22.06 8.27 8.61
C ILE B 45 -23.08 7.18 8.94
N PHE B 46 -23.06 6.68 10.18
CA PHE B 46 -23.94 5.58 10.56
C PHE B 46 -25.40 5.95 10.36
N LEU B 47 -25.79 7.18 10.74
CA LEU B 47 -27.17 7.62 10.59
C LEU B 47 -27.55 7.88 9.14
N SER B 48 -26.57 8.07 8.25
CA SER B 48 -26.88 8.27 6.84
C SER B 48 -27.26 6.97 6.16
N GLN B 49 -26.57 5.87 6.52
CA GLN B 49 -26.83 4.57 5.93
C GLN B 49 -28.04 3.92 6.62
N PRO B 50 -28.76 3.05 5.90
CA PRO B 50 -29.94 2.40 6.49
C PRO B 50 -29.54 1.50 7.66
N ILE B 51 -30.40 1.48 8.68
CA ILE B 51 -30.13 0.69 9.88
C ILE B 51 -30.06 -0.80 9.55
N LEU B 52 -30.68 -1.23 8.47
CA LEU B 52 -30.53 -2.59 7.95
C LEU B 52 -29.80 -2.48 6.61
N LEU B 53 -28.50 -2.75 6.63
CA LEU B 53 -27.68 -2.55 5.44
C LEU B 53 -28.09 -3.50 4.32
N GLU B 54 -27.89 -3.02 3.10
CA GLU B 54 -28.15 -3.78 1.88
C GLU B 54 -26.81 -3.73 1.16
N LEU B 55 -26.04 -4.81 1.26
CA LEU B 55 -24.71 -4.83 0.69
C LEU B 55 -24.66 -5.69 -0.57
N GLU B 56 -23.48 -5.73 -1.18
CA GLU B 56 -23.23 -6.53 -2.38
C GLU B 56 -21.83 -7.13 -2.30
N ALA B 57 -21.72 -8.41 -2.62
CA ALA B 57 -20.43 -9.10 -2.67
C ALA B 57 -19.62 -8.57 -3.86
N PRO B 58 -18.29 -8.78 -3.88
CA PRO B 58 -17.42 -9.50 -2.93
C PRO B 58 -17.23 -8.76 -1.60
N LEU B 59 -17.09 -9.53 -0.52
CA LEU B 59 -17.09 -8.96 0.82
C LEU B 59 -16.50 -9.98 1.79
N LYS B 60 -15.73 -9.49 2.77
CA LYS B 60 -15.16 -10.31 3.82
C LYS B 60 -15.80 -9.94 5.15
N ILE B 61 -16.25 -10.95 5.90
CA ILE B 61 -16.98 -10.75 7.14
C ILE B 61 -16.11 -11.22 8.30
N CYS B 62 -15.99 -10.39 9.33
CA CYS B 62 -15.19 -10.69 10.50
C CYS B 62 -16.08 -10.83 11.73
N GLY B 63 -15.55 -11.52 12.73
CA GLY B 63 -16.26 -11.74 13.98
C GLY B 63 -15.87 -10.74 15.06
N ASP B 64 -15.55 -11.25 16.24
CA ASP B 64 -15.26 -10.39 17.39
C ASP B 64 -13.77 -10.08 17.46
N ILE B 65 -13.47 -8.90 18.03
CA ILE B 65 -12.10 -8.47 18.24
C ILE B 65 -11.77 -8.31 19.71
N HIS B 66 -12.67 -7.68 20.47
CA HIS B 66 -12.55 -7.53 21.93
C HIS B 66 -11.18 -6.95 22.32
N GLY B 67 -10.84 -5.82 21.71
CA GLY B 67 -9.67 -5.07 22.11
C GLY B 67 -8.34 -5.72 21.85
N GLN B 68 -8.28 -6.86 21.17
CA GLN B 68 -7.01 -7.49 20.82
C GLN B 68 -6.54 -6.87 19.50
N TYR B 69 -5.88 -5.72 19.63
CA TYR B 69 -5.63 -4.85 18.49
C TYR B 69 -4.63 -5.45 17.52
N TYR B 70 -3.52 -6.00 18.03
CA TYR B 70 -2.55 -6.66 17.15
C TYR B 70 -3.18 -7.81 16.38
N ASP B 71 -4.10 -8.54 17.01
CA ASP B 71 -4.82 -9.60 16.30
C ASP B 71 -5.69 -9.02 15.19
N LEU B 72 -6.30 -7.86 15.44
CA LEU B 72 -7.03 -7.18 14.37
C LEU B 72 -6.10 -6.78 13.25
N LEU B 73 -4.90 -6.28 13.58
CA LEU B 73 -3.93 -5.94 12.55
C LEU B 73 -3.54 -7.15 11.73
N ARG B 74 -3.38 -8.31 12.38
CA ARG B 74 -3.07 -9.53 11.66
C ARG B 74 -4.19 -9.92 10.71
N LEU B 75 -5.45 -9.64 11.10
CA LEU B 75 -6.57 -9.90 10.21
C LEU B 75 -6.45 -9.08 8.93
N PHE B 76 -6.10 -7.80 9.05
CA PHE B 76 -6.11 -6.91 7.91
C PHE B 76 -4.99 -7.24 6.91
N GLU B 77 -3.89 -7.84 7.39
CA GLU B 77 -2.78 -8.12 6.48
C GLU B 77 -3.10 -9.28 5.55
N TYR B 78 -3.81 -10.30 6.04
CA TYR B 78 -4.13 -11.44 5.20
C TYR B 78 -5.36 -11.18 4.34
N GLY B 79 -6.43 -10.67 4.95
CA GLY B 79 -7.62 -10.35 4.19
C GLY B 79 -7.44 -9.22 3.20
N GLY B 80 -6.36 -8.45 3.33
CA GLY B 80 -6.16 -7.30 2.49
C GLY B 80 -6.56 -6.02 3.18
N PHE B 81 -5.68 -5.02 3.18
CA PHE B 81 -6.01 -3.77 3.83
C PHE B 81 -7.02 -2.99 2.99
N PRO B 82 -7.94 -2.25 3.64
CA PRO B 82 -8.90 -1.42 2.92
C PRO B 82 -8.20 -0.41 2.01
N PRO B 83 -8.69 -0.24 0.78
CA PRO B 83 -9.88 -0.89 0.24
C PRO B 83 -9.62 -2.09 -0.68
N GLU B 84 -8.57 -2.88 -0.42
CA GLU B 84 -8.33 -4.06 -1.24
C GLU B 84 -9.53 -5.00 -1.23
N SER B 85 -10.06 -5.29 -0.05
CA SER B 85 -11.26 -6.09 0.10
C SER B 85 -12.25 -5.30 0.96
N ASN B 86 -13.52 -5.37 0.57
CA ASN B 86 -14.58 -4.79 1.39
C ASN B 86 -14.65 -5.54 2.72
N TYR B 87 -15.17 -4.86 3.74
CA TYR B 87 -15.18 -5.42 5.09
C TYR B 87 -16.54 -5.21 5.75
N LEU B 88 -16.95 -6.22 6.51
CA LEU B 88 -18.15 -6.17 7.34
C LEU B 88 -17.81 -6.82 8.67
N PHE B 89 -18.02 -6.08 9.77
CA PHE B 89 -17.73 -6.58 11.10
C PHE B 89 -19.02 -6.84 11.85
N LEU B 90 -18.98 -7.84 12.74
CA LEU B 90 -20.16 -8.29 13.47
C LEU B 90 -20.09 -7.93 14.95
N GLY B 91 -19.52 -6.78 15.28
CA GLY B 91 -19.57 -6.26 16.64
C GLY B 91 -18.50 -6.81 17.56
N ASP B 92 -18.64 -6.43 18.83
CA ASP B 92 -17.74 -6.84 19.91
C ASP B 92 -16.30 -6.43 19.63
N TYR B 93 -16.10 -5.11 19.65
CA TYR B 93 -14.77 -4.54 19.45
C TYR B 93 -14.06 -4.23 20.76
N VAL B 94 -14.80 -3.86 21.80
CA VAL B 94 -14.21 -3.40 23.06
C VAL B 94 -14.37 -4.49 24.12
N ASP B 95 -13.78 -4.24 25.30
CA ASP B 95 -13.76 -5.15 26.45
C ASP B 95 -12.84 -6.35 26.24
N ARG B 96 -12.51 -7.03 27.34
CA ARG B 96 -11.77 -8.30 27.38
C ARG B 96 -10.39 -8.23 26.73
N GLY B 97 -9.89 -7.04 26.44
CA GLY B 97 -8.62 -6.91 25.75
C GLY B 97 -7.93 -5.64 26.16
N LYS B 98 -6.61 -5.66 26.11
CA LYS B 98 -5.80 -4.55 26.63
C LYS B 98 -5.87 -3.31 25.75
N GLN B 99 -6.39 -3.39 24.53
CA GLN B 99 -6.34 -2.27 23.60
C GLN B 99 -7.68 -2.08 22.89
N SER B 100 -8.72 -1.77 23.66
CA SER B 100 -10.02 -1.49 23.05
C SER B 100 -9.99 -0.18 22.28
N LEU B 101 -9.32 0.84 22.82
CA LEU B 101 -9.34 2.18 22.24
C LEU B 101 -8.77 2.17 20.82
N GLU B 102 -7.58 1.61 20.64
CA GLU B 102 -6.99 1.57 19.31
C GLU B 102 -7.86 0.73 18.36
N THR B 103 -8.46 -0.34 18.87
CA THR B 103 -9.26 -1.23 18.03
C THR B 103 -10.44 -0.48 17.42
N ILE B 104 -11.26 0.16 18.26
CA ILE B 104 -12.42 0.88 17.75
C ILE B 104 -12.00 2.09 16.94
N CYS B 105 -10.88 2.72 17.30
CA CYS B 105 -10.44 3.92 16.57
C CYS B 105 -10.03 3.59 15.14
N LEU B 106 -9.23 2.54 14.97
CA LEU B 106 -8.80 2.16 13.62
C LEU B 106 -9.97 1.73 12.75
N LEU B 107 -11.01 1.13 13.36
CA LEU B 107 -12.18 0.74 12.59
C LEU B 107 -13.05 1.95 12.24
N LEU B 108 -13.23 2.86 13.19
CA LEU B 108 -13.97 4.09 12.89
C LEU B 108 -13.21 4.97 11.90
N ALA B 109 -11.88 4.99 12.00
CA ALA B 109 -11.08 5.73 11.03
C ALA B 109 -11.25 5.15 9.63
N TYR B 110 -11.27 3.82 9.51
CA TYR B 110 -11.48 3.17 8.22
C TYR B 110 -12.91 3.39 7.73
N LYS B 111 -13.88 3.43 8.65
CA LYS B 111 -15.27 3.66 8.26
C LYS B 111 -15.45 5.02 7.60
N ILE B 112 -14.67 6.02 8.03
CA ILE B 112 -14.78 7.35 7.45
C ILE B 112 -14.04 7.43 6.12
N ARG B 113 -12.84 6.84 6.04
CA ARG B 113 -12.04 6.94 4.83
C ARG B 113 -12.71 6.24 3.65
N TYR B 114 -13.29 5.06 3.89
CA TYR B 114 -13.96 4.27 2.86
C TYR B 114 -15.38 3.99 3.34
N PRO B 115 -16.28 4.98 3.24
CA PRO B 115 -17.62 4.82 3.84
C PRO B 115 -18.57 3.92 3.06
N GLU B 116 -18.23 3.53 1.82
CA GLU B 116 -19.11 2.68 1.03
C GLU B 116 -18.47 1.33 0.71
N ASN B 117 -17.35 0.99 1.33
CA ASN B 117 -16.76 -0.33 1.20
C ASN B 117 -16.28 -0.88 2.54
N PHE B 118 -16.56 -0.18 3.64
CA PHE B 118 -16.22 -0.63 4.99
C PHE B 118 -17.45 -0.42 5.86
N PHE B 119 -17.85 -1.47 6.59
CA PHE B 119 -19.09 -1.43 7.35
C PHE B 119 -18.90 -2.09 8.71
N LEU B 120 -19.58 -1.55 9.71
CA LEU B 120 -19.49 -2.03 11.09
C LEU B 120 -20.88 -2.25 11.65
N LEU B 121 -21.06 -3.37 12.35
CA LEU B 121 -22.33 -3.69 12.99
C LEU B 121 -22.19 -3.59 14.50
N ARG B 122 -23.34 -3.60 15.17
CA ARG B 122 -23.40 -3.45 16.62
C ARG B 122 -23.39 -4.80 17.31
N GLY B 123 -22.64 -4.89 18.42
CA GLY B 123 -22.64 -6.05 19.27
C GLY B 123 -23.15 -5.70 20.66
N ASN B 124 -23.37 -6.74 21.46
CA ASN B 124 -23.86 -6.53 22.82
C ASN B 124 -22.84 -5.80 23.69
N HIS B 125 -21.56 -5.77 23.28
CA HIS B 125 -20.57 -5.00 24.01
C HIS B 125 -20.52 -3.55 23.57
N GLU B 126 -20.98 -3.24 22.35
CA GLU B 126 -21.12 -1.85 21.90
C GLU B 126 -22.35 -1.17 22.49
N CYS B 127 -22.60 -1.41 23.77
CA CYS B 127 -23.69 -0.81 24.52
C CYS B 127 -23.14 -0.34 25.85
N ALA B 128 -23.61 0.83 26.30
CA ALA B 128 -23.03 1.45 27.49
C ALA B 128 -23.17 0.53 28.72
N SER B 129 -24.33 -0.10 28.87
CA SER B 129 -24.60 -0.89 30.08
C SER B 129 -23.70 -2.12 30.21
N ILE B 130 -22.92 -2.46 29.19
CA ILE B 130 -22.05 -3.63 29.22
C ILE B 130 -20.58 -3.25 29.24
N ASN B 131 -20.16 -2.40 28.30
CA ASN B 131 -18.74 -2.05 28.20
C ASN B 131 -18.24 -1.20 29.35
N ARG B 132 -19.14 -0.71 30.20
CA ARG B 132 -18.72 -0.06 31.43
C ARG B 132 -17.99 -1.03 32.34
N ILE B 133 -18.51 -2.24 32.45
CA ILE B 133 -18.08 -3.19 33.48
C ILE B 133 -16.87 -3.99 33.05
N TYR B 134 -16.81 -4.42 31.78
CA TYR B 134 -15.79 -5.36 31.36
C TYR B 134 -14.52 -4.70 30.84
N GLY B 135 -14.31 -3.42 31.13
CA GLY B 135 -13.02 -2.80 30.94
C GLY B 135 -12.82 -1.94 29.70
N PHE B 136 -13.88 -1.53 29.01
CA PHE B 136 -13.69 -0.48 28.02
C PHE B 136 -13.73 0.89 28.68
N TYR B 137 -14.76 1.13 29.51
CA TYR B 137 -14.81 2.34 30.32
C TYR B 137 -13.60 2.43 31.24
N ASP B 138 -13.09 1.29 31.71
CA ASP B 138 -11.84 1.31 32.46
C ASP B 138 -10.68 1.79 31.59
N GLU B 139 -10.67 1.38 30.31
CA GLU B 139 -9.61 1.84 29.42
C GLU B 139 -9.77 3.31 29.06
N CYS B 140 -11.02 3.79 29.02
CA CYS B 140 -11.25 5.22 28.77
C CYS B 140 -10.89 6.08 29.96
N LYS B 141 -11.11 5.58 31.18
CA LYS B 141 -10.77 6.36 32.37
C LYS B 141 -9.27 6.54 32.49
N ARG B 142 -8.49 5.48 32.24
CA ARG B 142 -7.05 5.52 32.52
C ARG B 142 -6.31 6.41 31.53
N ARG B 143 -6.61 6.26 30.24
CA ARG B 143 -5.88 6.96 29.20
C ARG B 143 -6.53 8.29 28.81
N TYR B 144 -7.83 8.46 29.04
CA TYR B 144 -8.51 9.69 28.69
C TYR B 144 -9.46 10.09 29.81
N ASN B 145 -10.64 10.63 29.45
CA ASN B 145 -11.60 11.08 30.43
C ASN B 145 -12.93 10.33 30.27
N ILE B 146 -13.79 10.49 31.28
CA ILE B 146 -15.10 9.86 31.25
C ILE B 146 -15.93 10.43 30.09
N LYS B 147 -15.82 11.73 29.85
CA LYS B 147 -16.61 12.38 28.80
C LYS B 147 -16.36 11.74 27.44
N LEU B 148 -15.13 11.27 27.19
CA LEU B 148 -14.85 10.58 25.95
C LEU B 148 -15.62 9.27 25.85
N TRP B 149 -15.67 8.51 26.96
CA TRP B 149 -16.38 7.24 26.95
C TRP B 149 -17.85 7.43 26.60
N LYS B 150 -18.48 8.48 27.14
CA LYS B 150 -19.87 8.76 26.80
C LYS B 150 -20.01 9.24 25.36
N THR B 151 -18.97 9.88 24.82
CA THR B 151 -18.97 10.21 23.40
C THR B 151 -18.91 8.94 22.55
N PHE B 152 -18.19 7.93 23.01
CA PHE B 152 -18.21 6.63 22.35
C PHE B 152 -19.59 6.00 22.41
N THR B 153 -20.25 6.11 23.56
CA THR B 153 -21.59 5.53 23.72
C THR B 153 -22.56 6.15 22.73
N ASP B 154 -22.56 7.48 22.63
CA ASP B 154 -23.45 8.15 21.68
C ASP B 154 -23.13 7.77 20.24
N CYS B 155 -21.87 7.43 19.96
CA CYS B 155 -21.50 6.95 18.63
C CYS B 155 -21.99 5.52 18.41
N PHE B 156 -21.87 4.68 19.44
CA PHE B 156 -22.29 3.29 19.32
C PHE B 156 -23.79 3.17 19.08
N ASN B 157 -24.58 4.03 19.73
CA ASN B 157 -26.04 3.91 19.69
C ASN B 157 -26.63 4.18 18.32
N CYS B 158 -25.84 4.59 17.34
CA CYS B 158 -26.30 4.76 15.96
C CYS B 158 -25.79 3.66 15.03
N LEU B 159 -25.16 2.63 15.57
CA LEU B 159 -24.64 1.56 14.74
C LEU B 159 -25.77 0.79 14.07
N PRO B 160 -25.58 0.34 12.83
CA PRO B 160 -26.59 -0.52 12.20
C PRO B 160 -26.68 -1.86 12.91
N ILE B 161 -27.87 -2.45 12.85
CA ILE B 161 -28.17 -3.65 13.62
C ILE B 161 -27.88 -4.92 12.85
N ALA B 162 -28.17 -4.94 11.55
CA ALA B 162 -27.98 -6.14 10.75
C ALA B 162 -27.72 -5.75 9.30
N ALA B 163 -27.23 -6.71 8.53
CA ALA B 163 -26.93 -6.50 7.12
C ALA B 163 -27.42 -7.69 6.31
N ILE B 164 -27.98 -7.41 5.15
CA ILE B 164 -28.45 -8.42 4.21
C ILE B 164 -27.56 -8.35 2.98
N VAL B 165 -26.78 -9.41 2.76
CA VAL B 165 -25.81 -9.46 1.67
C VAL B 165 -26.46 -10.17 0.49
N ASP B 166 -26.81 -9.40 -0.55
CA ASP B 166 -27.33 -9.95 -1.80
C ASP B 166 -28.60 -10.76 -1.59
N GLU B 167 -29.44 -10.33 -0.65
CA GLU B 167 -30.76 -10.92 -0.40
C GLU B 167 -30.69 -12.41 -0.06
N LYS B 168 -29.53 -12.91 0.37
CA LYS B 168 -29.40 -14.34 0.61
C LYS B 168 -28.71 -14.64 1.94
N ILE B 169 -27.84 -13.74 2.40
CA ILE B 169 -27.09 -13.94 3.62
C ILE B 169 -27.53 -12.88 4.64
N PHE B 170 -28.05 -13.34 5.78
CA PHE B 170 -28.49 -12.46 6.85
C PHE B 170 -27.43 -12.46 7.95
N CYS B 171 -26.95 -11.27 8.29
CA CYS B 171 -25.85 -11.12 9.23
C CYS B 171 -26.25 -10.23 10.40
N CYS B 172 -25.84 -10.63 11.60
CA CYS B 172 -25.98 -9.85 12.81
C CYS B 172 -25.10 -10.49 13.88
N HIS B 173 -24.83 -9.74 14.95
CA HIS B 173 -23.90 -10.22 15.97
C HIS B 173 -24.46 -11.43 16.71
N GLY B 174 -25.70 -11.33 17.19
CA GLY B 174 -26.26 -12.37 18.03
C GLY B 174 -26.95 -13.49 17.27
N GLY B 175 -28.21 -13.28 16.91
CA GLY B 175 -28.96 -14.31 16.22
C GLY B 175 -30.41 -13.90 16.06
N LEU B 176 -31.22 -14.90 15.71
CA LEU B 176 -32.61 -14.67 15.38
C LEU B 176 -33.40 -14.28 16.63
N SER B 177 -34.60 -13.76 16.40
CA SER B 177 -35.49 -13.29 17.45
C SER B 177 -36.88 -13.89 17.26
N PRO B 178 -37.53 -14.31 18.35
CA PRO B 178 -38.92 -14.77 18.20
C PRO B 178 -39.86 -13.67 17.73
N ASP B 179 -39.55 -12.41 18.01
CA ASP B 179 -40.35 -11.27 17.62
C ASP B 179 -40.03 -10.77 16.21
N LEU B 180 -39.05 -11.37 15.53
CA LEU B 180 -38.73 -10.98 14.17
C LEU B 180 -39.70 -11.65 13.21
N GLN B 181 -40.52 -10.85 12.54
CA GLN B 181 -41.50 -11.33 11.58
C GLN B 181 -41.26 -10.83 10.16
N SER B 182 -40.74 -9.61 9.99
CA SER B 182 -40.36 -9.12 8.68
C SER B 182 -39.17 -8.18 8.83
N MET B 183 -38.38 -8.07 7.76
CA MET B 183 -37.22 -7.19 7.79
C MET B 183 -37.59 -5.74 8.05
N GLU B 184 -38.83 -5.36 7.76
CA GLU B 184 -39.25 -3.98 7.99
C GLU B 184 -39.23 -3.62 9.47
N GLN B 185 -39.37 -4.62 10.35
CA GLN B 185 -39.26 -4.36 11.78
C GLN B 185 -37.83 -4.01 12.17
N ILE B 186 -36.84 -4.54 11.45
CA ILE B 186 -35.45 -4.16 11.71
C ILE B 186 -35.21 -2.72 11.23
N ARG B 187 -35.68 -2.40 10.03
CA ARG B 187 -35.64 -1.02 9.56
C ARG B 187 -36.54 -0.10 10.38
N ARG B 188 -37.49 -0.68 11.13
CA ARG B 188 -38.40 0.11 11.93
C ARG B 188 -37.70 0.77 13.11
N ILE B 189 -36.59 0.20 13.57
CA ILE B 189 -35.89 0.72 14.73
C ILE B 189 -35.27 2.07 14.39
N MET B 190 -35.61 3.08 15.18
CA MET B 190 -35.07 4.42 14.99
C MET B 190 -33.76 4.58 15.76
N ARG B 191 -32.81 5.29 15.17
CA ARG B 191 -31.56 5.57 15.86
C ARG B 191 -31.49 7.05 16.23
N PRO B 192 -30.78 7.39 17.33
CA PRO B 192 -29.98 6.52 18.20
C PRO B 192 -30.81 5.75 19.22
N THR B 193 -30.35 4.56 19.61
CA THR B 193 -31.02 3.83 20.67
C THR B 193 -30.02 3.09 21.54
N ASP B 194 -30.43 2.85 22.78
CA ASP B 194 -29.75 1.92 23.66
C ASP B 194 -30.31 0.53 23.43
N VAL B 195 -29.46 -0.47 23.63
CA VAL B 195 -29.86 -1.87 23.52
C VAL B 195 -30.61 -2.27 24.78
N PRO B 196 -31.91 -2.53 24.70
CA PRO B 196 -32.68 -2.90 25.89
C PRO B 196 -32.39 -4.35 26.29
N ASP B 197 -33.02 -4.77 27.38
CA ASP B 197 -32.73 -6.07 27.98
C ASP B 197 -33.53 -7.22 27.36
N GLN B 198 -34.59 -6.93 26.60
CA GLN B 198 -35.34 -7.98 25.93
C GLN B 198 -36.11 -7.38 24.77
N GLY B 199 -36.25 -8.14 23.69
CA GLY B 199 -36.98 -7.73 22.52
C GLY B 199 -36.21 -8.00 21.26
N LEU B 200 -36.76 -7.53 20.14
CA LEU B 200 -36.17 -7.78 18.83
C LEU B 200 -34.75 -7.22 18.74
N LEU B 201 -34.55 -5.99 19.22
CA LEU B 201 -33.22 -5.39 19.15
C LEU B 201 -32.24 -6.11 20.07
N CYS B 202 -32.72 -6.58 21.22
CA CYS B 202 -31.85 -7.30 22.14
C CYS B 202 -31.49 -8.68 21.61
N ASP B 203 -32.50 -9.45 21.16
CA ASP B 203 -32.25 -10.80 20.68
C ASP B 203 -31.28 -10.81 19.50
N LEU B 204 -31.36 -9.80 18.64
CA LEU B 204 -30.45 -9.72 17.50
C LEU B 204 -29.00 -9.59 17.93
N LEU B 205 -28.74 -9.27 19.19
CA LEU B 205 -27.39 -9.12 19.70
C LEU B 205 -27.00 -10.15 20.75
N TRP B 206 -27.94 -10.93 21.26
CA TRP B 206 -27.68 -11.80 22.40
C TRP B 206 -28.01 -13.27 22.18
N SER B 207 -28.89 -13.62 21.25
CA SER B 207 -29.34 -15.00 21.12
C SER B 207 -28.27 -15.88 20.47
N ASP B 208 -28.26 -17.15 20.85
CA ASP B 208 -27.32 -18.14 20.35
C ASP B 208 -28.07 -19.29 19.68
N PRO B 209 -27.41 -20.04 18.81
CA PRO B 209 -27.98 -21.31 18.35
C PRO B 209 -27.63 -22.45 19.30
N ASP B 210 -28.53 -23.42 19.37
CA ASP B 210 -28.33 -24.59 20.22
C ASP B 210 -28.80 -25.83 19.48
N LYS B 211 -28.06 -26.93 19.65
CA LYS B 211 -28.41 -28.18 18.99
C LYS B 211 -29.46 -28.95 19.76
N ASP B 212 -29.49 -28.83 21.09
CA ASP B 212 -30.40 -29.61 21.92
C ASP B 212 -31.79 -29.02 22.01
N VAL B 213 -32.05 -27.89 21.37
CA VAL B 213 -33.36 -27.25 21.36
C VAL B 213 -33.96 -27.40 19.97
N GLN B 214 -35.25 -27.74 19.92
CA GLN B 214 -35.99 -27.77 18.67
C GLN B 214 -36.55 -26.41 18.31
N GLY B 215 -37.30 -25.79 19.21
CA GLY B 215 -37.87 -24.48 18.98
C GLY B 215 -37.04 -23.37 19.60
N TRP B 216 -37.66 -22.59 20.49
CA TRP B 216 -36.99 -21.51 21.19
C TRP B 216 -36.74 -21.92 22.64
N GLY B 217 -35.50 -21.76 23.08
CA GLY B 217 -35.13 -22.11 24.44
C GLY B 217 -34.42 -20.97 25.13
N GLU B 218 -34.53 -20.95 26.46
CA GLU B 218 -33.91 -19.90 27.26
C GLU B 218 -32.40 -19.96 27.12
N ASN B 219 -31.77 -18.79 27.17
CA ASN B 219 -30.32 -18.66 27.06
C ASN B 219 -29.71 -18.62 28.45
N ASP B 220 -28.60 -19.36 28.62
CA ASP B 220 -27.96 -19.45 29.92
C ASP B 220 -27.36 -18.12 30.39
N ARG B 221 -27.14 -17.18 29.47
CA ARG B 221 -26.68 -15.86 29.86
C ARG B 221 -27.70 -15.11 30.72
N GLY B 222 -28.95 -15.54 30.72
CA GLY B 222 -30.01 -14.78 31.33
C GLY B 222 -30.57 -13.68 30.46
N VAL B 223 -30.20 -13.66 29.17
CA VAL B 223 -30.66 -12.64 28.23
C VAL B 223 -31.07 -13.32 26.94
N SER B 224 -32.19 -12.89 26.37
CA SER B 224 -32.67 -13.33 25.06
C SER B 224 -33.00 -14.81 25.12
N PHE B 225 -32.82 -15.52 24.00
CA PHE B 225 -33.21 -16.91 23.87
C PHE B 225 -32.14 -17.67 23.11
N THR B 226 -32.41 -18.95 22.89
CA THR B 226 -31.68 -19.78 21.93
C THR B 226 -32.67 -20.34 20.93
N PHE B 227 -32.18 -20.62 19.72
CA PHE B 227 -33.04 -21.11 18.65
C PHE B 227 -32.47 -22.42 18.11
N GLY B 228 -33.37 -23.34 17.79
CA GLY B 228 -32.98 -24.63 17.26
C GLY B 228 -32.79 -24.61 15.76
N ALA B 229 -32.45 -25.78 15.23
CA ALA B 229 -32.20 -25.88 13.79
C ALA B 229 -33.47 -25.68 12.98
N GLU B 230 -34.63 -25.96 13.58
CA GLU B 230 -35.90 -25.75 12.88
C GLU B 230 -36.19 -24.26 12.70
N VAL B 231 -35.87 -23.46 13.71
CA VAL B 231 -36.13 -22.02 13.61
C VAL B 231 -35.21 -21.39 12.56
N VAL B 232 -33.98 -21.89 12.44
CA VAL B 232 -33.08 -21.39 11.41
C VAL B 232 -33.58 -21.77 10.02
N ALA B 233 -34.06 -23.00 9.86
CA ALA B 233 -34.48 -23.46 8.54
C ALA B 233 -35.82 -22.82 8.14
N LYS B 234 -36.75 -22.69 9.08
CA LYS B 234 -38.03 -22.07 8.76
C LYS B 234 -37.86 -20.59 8.42
N PHE B 235 -36.91 -19.91 9.06
CA PHE B 235 -36.69 -18.50 8.80
C PHE B 235 -36.08 -18.27 7.42
N LEU B 236 -35.02 -19.03 7.10
CA LEU B 236 -34.43 -18.94 5.77
C LEU B 236 -35.46 -19.27 4.68
N HIS B 237 -36.40 -20.16 4.99
CA HIS B 237 -37.43 -20.52 4.01
C HIS B 237 -38.45 -19.40 3.85
N LYS B 238 -38.77 -18.70 4.94
CA LYS B 238 -39.78 -17.66 4.87
C LYS B 238 -39.29 -16.43 4.12
N HIS B 239 -38.02 -16.07 4.31
CA HIS B 239 -37.46 -14.85 3.74
C HIS B 239 -36.56 -15.12 2.54
N ASP B 240 -36.61 -16.32 1.97
CA ASP B 240 -35.83 -16.68 0.78
C ASP B 240 -34.35 -16.39 0.99
N LEU B 241 -33.82 -16.88 2.10
CA LEU B 241 -32.41 -16.71 2.45
C LEU B 241 -31.74 -18.09 2.49
N ASP B 242 -30.41 -18.08 2.44
CA ASP B 242 -29.64 -19.31 2.34
C ASP B 242 -28.61 -19.50 3.45
N LEU B 243 -28.31 -18.46 4.23
CA LEU B 243 -27.26 -18.57 5.23
C LEU B 243 -27.42 -17.45 6.25
N ILE B 244 -27.22 -17.78 7.53
CA ILE B 244 -27.20 -16.80 8.60
C ILE B 244 -25.79 -16.76 9.16
N CYS B 245 -25.16 -15.58 9.09
CA CYS B 245 -23.80 -15.39 9.55
C CYS B 245 -23.83 -14.55 10.82
N ARG B 246 -23.12 -15.01 11.86
CA ARG B 246 -23.17 -14.35 13.15
C ARG B 246 -21.88 -14.64 13.91
N ALA B 247 -21.78 -14.07 15.11
CA ALA B 247 -20.59 -14.21 15.94
C ALA B 247 -20.97 -14.51 17.39
N HIS B 248 -20.50 -13.69 18.32
CA HIS B 248 -20.92 -13.68 19.72
C HIS B 248 -20.53 -14.94 20.49
N GLN B 249 -19.87 -15.91 19.86
CA GLN B 249 -19.50 -17.15 20.54
C GLN B 249 -18.09 -17.55 20.13
N VAL B 250 -17.22 -17.73 21.12
CA VAL B 250 -15.86 -18.18 20.85
C VAL B 250 -15.91 -19.61 20.34
N VAL B 251 -15.24 -19.86 19.22
CA VAL B 251 -15.24 -21.17 18.58
C VAL B 251 -13.80 -21.61 18.35
N GLU B 252 -13.60 -22.92 18.32
CA GLU B 252 -12.25 -23.49 18.28
C GLU B 252 -11.49 -23.04 17.05
N ASP B 253 -12.00 -23.38 15.87
CA ASP B 253 -11.30 -23.10 14.61
C ASP B 253 -11.64 -21.74 14.03
N GLY B 254 -12.20 -20.84 14.82
CA GLY B 254 -12.49 -19.50 14.32
C GLY B 254 -13.83 -19.42 13.61
N TYR B 255 -14.25 -20.54 13.02
CA TYR B 255 -15.55 -20.64 12.38
C TYR B 255 -16.16 -21.98 12.77
N GLU B 256 -17.46 -21.99 13.04
CA GLU B 256 -18.16 -23.22 13.39
C GLU B 256 -19.48 -23.29 12.64
N PHE B 257 -19.71 -24.40 11.95
CA PHE B 257 -20.92 -24.57 11.17
C PHE B 257 -22.07 -25.06 12.03
N PHE B 258 -23.28 -24.95 11.49
CA PHE B 258 -24.48 -25.29 12.24
C PHE B 258 -25.63 -25.59 11.27
N ALA B 259 -26.41 -26.63 11.60
CA ALA B 259 -27.63 -26.98 10.87
C ALA B 259 -27.35 -27.29 9.40
N LYS B 260 -26.38 -28.18 9.16
CA LYS B 260 -26.01 -28.62 7.82
C LYS B 260 -25.66 -27.43 6.92
N ARG B 261 -24.72 -26.61 7.39
CA ARG B 261 -24.21 -25.44 6.68
C ARG B 261 -25.30 -24.41 6.36
N GLN B 262 -26.39 -24.39 7.13
CA GLN B 262 -27.36 -23.33 7.00
C GLN B 262 -26.98 -22.08 7.80
N LEU B 263 -26.09 -22.23 8.77
CA LEU B 263 -25.67 -21.13 9.62
C LEU B 263 -24.21 -21.31 9.98
N VAL B 264 -23.53 -20.20 10.27
CA VAL B 264 -22.12 -20.21 10.61
C VAL B 264 -21.86 -19.16 11.68
N THR B 265 -20.93 -19.47 12.58
CA THR B 265 -20.51 -18.56 13.64
C THR B 265 -19.05 -18.18 13.40
N LEU B 266 -18.76 -16.89 13.48
CA LEU B 266 -17.40 -16.38 13.25
C LEU B 266 -16.86 -15.74 14.51
N PHE B 267 -15.55 -15.87 14.70
CA PHE B 267 -14.87 -15.24 15.83
C PHE B 267 -13.47 -14.89 15.34
N SER B 268 -13.13 -13.60 15.36
CA SER B 268 -11.92 -13.10 14.71
C SER B 268 -10.76 -12.86 15.67
N ALA B 269 -10.95 -13.09 16.97
CA ALA B 269 -9.89 -12.84 17.94
C ALA B 269 -9.25 -14.15 18.35
N PRO B 270 -8.11 -14.53 17.78
CA PRO B 270 -7.45 -15.76 18.21
C PRO B 270 -6.83 -15.61 19.59
N ASN B 271 -6.77 -16.71 20.32
CA ASN B 271 -6.29 -16.73 21.70
C ASN B 271 -7.10 -15.76 22.56
N TYR B 272 -8.42 -15.97 22.58
CA TYR B 272 -9.36 -15.02 23.17
C TYR B 272 -9.03 -14.76 24.63
N CYS B 273 -8.73 -13.50 24.94
CA CYS B 273 -8.45 -12.99 26.28
C CYS B 273 -7.58 -13.92 27.12
N GLY B 274 -6.65 -14.62 26.49
CA GLY B 274 -5.63 -15.38 27.19
C GLY B 274 -6.09 -16.62 27.91
N GLU B 275 -7.39 -16.93 27.90
CA GLU B 275 -7.91 -18.13 28.57
C GLU B 275 -8.09 -19.30 27.61
N PHE B 276 -8.53 -19.04 26.38
CA PHE B 276 -8.74 -20.09 25.41
C PHE B 276 -7.51 -20.25 24.52
N ASP B 277 -7.48 -21.37 23.78
CA ASP B 277 -6.47 -21.63 22.77
C ASP B 277 -7.07 -21.65 21.37
N ASN B 278 -8.07 -20.81 21.13
CA ASN B 278 -8.84 -20.87 19.90
C ASN B 278 -8.15 -20.12 18.77
N ALA B 279 -8.65 -20.33 17.56
CA ALA B 279 -8.22 -19.62 16.38
C ALA B 279 -9.23 -18.55 16.01
N GLY B 280 -8.82 -17.67 15.11
CA GLY B 280 -9.68 -16.61 14.60
C GLY B 280 -9.84 -16.73 13.10
N ALA B 281 -11.07 -16.52 12.62
CA ALA B 281 -11.36 -16.71 11.20
C ALA B 281 -12.27 -15.60 10.70
N MET B 282 -12.20 -15.38 9.39
CA MET B 282 -13.10 -14.47 8.69
C MET B 282 -13.57 -15.16 7.42
N MET B 283 -14.79 -14.82 7.00
CA MET B 283 -15.42 -15.46 5.85
C MET B 283 -15.31 -14.56 4.63
N SER B 284 -14.75 -15.08 3.55
CA SER B 284 -14.59 -14.36 2.30
C SER B 284 -15.67 -14.77 1.33
N VAL B 285 -16.30 -13.78 0.68
CA VAL B 285 -17.34 -14.01 -0.30
C VAL B 285 -16.94 -13.30 -1.59
N ASP B 286 -17.02 -14.00 -2.71
CA ASP B 286 -16.79 -13.37 -4.01
C ASP B 286 -18.14 -13.17 -4.69
N GLU B 287 -18.12 -12.77 -5.96
CA GLU B 287 -19.37 -12.43 -6.64
C GLU B 287 -20.24 -13.66 -6.89
N THR B 288 -19.63 -14.85 -6.97
CA THR B 288 -20.38 -16.08 -7.12
C THR B 288 -21.12 -16.49 -5.86
N LEU B 289 -21.04 -15.68 -4.80
CA LEU B 289 -21.56 -16.02 -3.48
C LEU B 289 -20.94 -17.32 -2.93
N MET B 290 -19.83 -17.76 -3.52
CA MET B 290 -19.05 -18.84 -2.95
C MET B 290 -18.27 -18.30 -1.76
N CYS B 291 -18.27 -19.06 -0.67
CA CYS B 291 -17.77 -18.61 0.62
C CYS B 291 -16.49 -19.36 0.96
N SER B 292 -15.42 -18.62 1.20
CA SER B 292 -14.16 -19.18 1.67
C SER B 292 -13.92 -18.69 3.09
N PHE B 293 -13.34 -19.55 3.92
CA PHE B 293 -12.94 -19.17 5.26
C PHE B 293 -11.43 -18.98 5.32
N GLN B 294 -11.01 -18.01 6.13
CA GLN B 294 -9.61 -17.61 6.22
C GLN B 294 -9.26 -17.50 7.70
N ILE B 295 -8.37 -18.38 8.16
CA ILE B 295 -8.18 -18.64 9.59
C ILE B 295 -6.85 -18.05 10.05
N LEU B 296 -6.87 -17.44 11.23
CA LEU B 296 -5.67 -17.06 11.97
C LEU B 296 -5.48 -18.05 13.12
N LYS B 297 -4.33 -18.72 13.14
CA LYS B 297 -4.06 -19.72 14.16
C LYS B 297 -2.79 -19.39 14.92
N PRO B 298 -2.81 -19.42 16.25
CA PRO B 298 -1.56 -19.34 17.01
C PRO B 298 -0.88 -20.71 17.08
N ALA B 299 0.44 -20.68 17.22
CA ALA B 299 1.22 -21.91 17.29
C ALA B 299 1.42 -22.34 18.74
N LYS C 6 21.34 -25.49 -51.40
CA LYS C 6 21.50 -24.98 -52.75
C LYS C 6 21.16 -23.50 -52.84
N LEU C 7 21.56 -22.87 -53.94
CA LEU C 7 21.26 -21.45 -54.19
C LEU C 7 20.82 -21.32 -55.65
N ASN C 8 19.52 -21.46 -55.89
CA ASN C 8 18.96 -21.25 -57.21
C ASN C 8 19.03 -19.76 -57.56
N LEU C 9 20.25 -19.27 -57.81
CA LEU C 9 20.46 -17.82 -57.93
C LEU C 9 19.71 -17.25 -59.12
N ASP C 10 19.58 -18.00 -60.21
CA ASP C 10 18.79 -17.54 -61.34
C ASP C 10 17.34 -17.31 -60.94
N SER C 11 16.79 -18.20 -60.11
CA SER C 11 15.45 -17.98 -59.57
C SER C 11 15.40 -16.78 -58.64
N ILE C 12 16.51 -16.51 -57.94
CA ILE C 12 16.54 -15.37 -57.03
C ILE C 12 16.64 -14.06 -57.81
N ILE C 13 17.60 -13.96 -58.71
CA ILE C 13 17.74 -12.74 -59.51
C ILE C 13 16.50 -12.52 -60.37
N GLY C 14 15.91 -13.60 -60.86
CA GLY C 14 14.72 -13.47 -61.68
C GLY C 14 13.53 -12.96 -60.88
N ARG C 15 13.30 -13.52 -59.69
CA ARG C 15 12.20 -13.06 -58.85
C ARG C 15 12.40 -11.64 -58.37
N LEU C 16 13.64 -11.16 -58.31
CA LEU C 16 13.91 -9.77 -57.96
C LEU C 16 13.64 -8.85 -59.14
N LEU C 17 14.15 -9.19 -60.33
CA LEU C 17 13.98 -8.35 -61.52
C LEU C 17 12.58 -8.44 -62.10
N GLU C 18 11.77 -9.40 -61.67
CA GLU C 18 10.42 -9.57 -62.23
C GLU C 18 9.52 -8.38 -61.93
N VAL C 19 9.79 -7.64 -60.86
CA VAL C 19 8.98 -6.48 -60.50
C VAL C 19 9.38 -5.24 -61.29
N GLN C 20 10.36 -5.34 -62.17
CA GLN C 20 10.73 -4.21 -63.01
C GLN C 20 9.55 -3.75 -63.85
N GLY C 21 9.24 -2.46 -63.80
CA GLY C 21 8.11 -1.91 -64.51
C GLY C 21 6.78 -2.02 -63.80
N SER C 22 6.72 -2.71 -62.66
CA SER C 22 5.48 -2.80 -61.91
C SER C 22 5.13 -1.43 -61.31
N ARG C 23 3.92 -1.33 -60.79
CA ARG C 23 3.53 -0.13 -60.08
C ARG C 23 4.45 0.07 -58.88
N PRO C 24 4.89 1.30 -58.62
CA PRO C 24 5.83 1.53 -57.52
C PRO C 24 5.27 1.05 -56.18
N GLY C 25 6.08 0.31 -55.45
CA GLY C 25 5.71 -0.18 -54.15
C GLY C 25 5.42 -1.67 -54.03
N LYS C 26 5.93 -2.51 -54.94
CA LYS C 26 5.74 -3.95 -54.88
C LYS C 26 7.00 -4.60 -54.36
N ASN C 27 6.90 -5.29 -53.23
CA ASN C 27 8.05 -5.88 -52.58
C ASN C 27 8.38 -7.26 -53.16
N VAL C 28 9.54 -7.78 -52.77
CA VAL C 28 10.01 -9.10 -53.19
C VAL C 28 10.46 -9.83 -51.93
N GLN C 29 9.64 -10.77 -51.47
CA GLN C 29 9.90 -11.49 -50.22
C GLN C 29 10.54 -12.83 -50.56
N LEU C 30 11.87 -12.86 -50.53
CA LEU C 30 12.60 -14.10 -50.67
C LEU C 30 12.53 -14.90 -49.37
N THR C 31 12.94 -16.17 -49.44
CA THR C 31 12.90 -17.01 -48.26
C THR C 31 14.06 -16.68 -47.33
N GLU C 32 13.83 -16.89 -46.03
CA GLU C 32 14.85 -16.60 -45.03
C GLU C 32 16.13 -17.39 -45.31
N ASN C 33 16.00 -18.62 -45.81
CA ASN C 33 17.17 -19.43 -46.11
C ASN C 33 17.85 -19.05 -47.42
N GLU C 34 17.13 -18.40 -48.34
CA GLU C 34 17.77 -17.89 -49.55
C GLU C 34 18.59 -16.64 -49.24
N ILE C 35 18.01 -15.70 -48.49
CA ILE C 35 18.74 -14.51 -48.09
C ILE C 35 19.91 -14.88 -47.19
N ARG C 36 19.71 -15.87 -46.32
CA ARG C 36 20.81 -16.37 -45.50
C ARG C 36 21.92 -16.95 -46.37
N GLY C 37 21.55 -17.60 -47.49
CA GLY C 37 22.55 -18.16 -48.37
C GLY C 37 23.30 -17.11 -49.17
N LEU C 38 22.63 -16.01 -49.54
CA LEU C 38 23.30 -14.96 -50.28
C LEU C 38 24.39 -14.30 -49.44
N CYS C 39 24.13 -14.13 -48.14
CA CYS C 39 25.13 -13.53 -47.26
C CYS C 39 26.37 -14.40 -47.14
N LEU C 40 26.17 -15.70 -46.92
CA LEU C 40 27.31 -16.59 -46.71
C LEU C 40 28.13 -16.75 -47.98
N LYS C 41 27.48 -16.87 -49.14
CA LYS C 41 28.21 -17.08 -50.38
C LYS C 41 28.91 -15.82 -50.85
N SER C 42 28.36 -14.64 -50.50
CA SER C 42 29.01 -13.39 -50.86
C SER C 42 30.11 -13.03 -49.88
N ARG C 43 29.89 -13.29 -48.58
CA ARG C 43 30.96 -13.13 -47.60
C ARG C 43 32.16 -14.00 -47.96
N GLU C 44 31.90 -15.21 -48.46
CA GLU C 44 32.97 -16.08 -48.97
C GLU C 44 33.77 -15.37 -50.06
N ILE C 45 33.10 -14.57 -50.88
CA ILE C 45 33.78 -13.87 -51.96
C ILE C 45 34.57 -12.68 -51.43
N PHE C 46 33.96 -11.90 -50.52
CA PHE C 46 34.61 -10.68 -50.03
C PHE C 46 35.93 -10.99 -49.34
N LEU C 47 35.98 -12.07 -48.55
CA LEU C 47 37.21 -12.41 -47.84
C LEU C 47 38.26 -12.97 -48.77
N SER C 48 37.86 -13.62 -49.86
CA SER C 48 38.84 -14.16 -50.80
C SER C 48 39.49 -13.04 -51.60
N GLN C 49 38.71 -12.04 -52.01
CA GLN C 49 39.25 -10.92 -52.75
C GLN C 49 40.06 -10.02 -51.81
N PRO C 50 41.02 -9.28 -52.36
CA PRO C 50 41.82 -8.38 -51.51
C PRO C 50 40.97 -7.29 -50.88
N ILE C 51 41.32 -6.93 -49.64
CA ILE C 51 40.56 -5.91 -48.92
C ILE C 51 40.71 -4.56 -49.61
N LEU C 52 41.83 -4.32 -50.27
CA LEU C 52 42.03 -3.15 -51.12
C LEU C 52 41.94 -3.63 -52.56
N LEU C 53 40.74 -3.50 -53.14
CA LEU C 53 40.50 -4.03 -54.47
C LEU C 53 41.35 -3.30 -55.52
N GLU C 54 41.81 -4.05 -56.51
CA GLU C 54 42.55 -3.51 -57.66
C GLU C 54 41.77 -3.89 -58.91
N LEU C 55 41.10 -2.92 -59.52
CA LEU C 55 40.22 -3.14 -60.65
C LEU C 55 40.78 -2.51 -61.91
N GLU C 56 40.27 -2.97 -63.05
CA GLU C 56 40.68 -2.47 -64.35
C GLU C 56 39.46 -1.97 -65.12
N ALA C 57 39.63 -0.84 -65.79
CA ALA C 57 38.58 -0.26 -66.61
C ALA C 57 38.41 -1.07 -67.90
N PRO C 58 37.25 -0.95 -68.58
CA PRO C 58 36.07 -0.11 -68.34
C PRO C 58 35.27 -0.49 -67.10
N LEU C 59 34.66 0.50 -66.45
CA LEU C 59 34.00 0.31 -65.17
C LEU C 59 33.02 1.46 -64.95
N LYS C 60 31.85 1.13 -64.40
CA LYS C 60 30.84 2.11 -64.03
C LYS C 60 30.77 2.20 -62.51
N ILE C 61 30.88 3.42 -61.98
CA ILE C 61 30.95 3.67 -60.55
C ILE C 61 29.67 4.36 -60.10
N CYS C 62 29.01 3.80 -59.10
CA CYS C 62 27.80 4.36 -58.51
C CYS C 62 28.06 4.81 -57.08
N GLY C 63 27.21 5.72 -56.61
CA GLY C 63 27.35 6.27 -55.27
C GLY C 63 26.50 5.56 -54.24
N ASP C 64 25.55 6.29 -53.66
CA ASP C 64 24.68 5.74 -52.62
C ASP C 64 23.34 5.34 -53.23
N ILE C 65 22.73 4.32 -52.61
CA ILE C 65 21.43 3.83 -53.04
C ILE C 65 20.36 4.09 -51.98
N HIS C 66 20.65 3.73 -50.73
CA HIS C 66 19.78 3.98 -49.58
C HIS C 66 18.36 3.46 -49.82
N GLY C 67 18.28 2.17 -50.13
CA GLY C 67 17.01 1.46 -50.14
C GLY C 67 15.99 1.92 -51.15
N GLN C 68 16.42 2.67 -52.17
CA GLN C 68 15.52 3.07 -53.26
C GLN C 68 15.68 2.06 -54.39
N TYR C 69 14.99 0.92 -54.23
CA TYR C 69 15.23 -0.23 -55.08
C TYR C 69 14.81 0.04 -56.53
N TYR C 70 13.61 0.59 -56.73
CA TYR C 70 13.18 0.93 -58.08
C TYR C 70 14.11 1.95 -58.72
N ASP C 71 14.75 2.80 -57.92
CA ASP C 71 15.76 3.71 -58.45
C ASP C 71 17.06 2.99 -58.75
N LEU C 72 17.36 1.91 -58.03
CA LEU C 72 18.50 1.06 -58.39
C LEU C 72 18.24 0.34 -59.71
N LEU C 73 16.99 -0.03 -59.99
CA LEU C 73 16.68 -0.69 -61.25
C LEU C 73 16.80 0.27 -62.42
N ARG C 74 16.34 1.52 -62.26
CA ARG C 74 16.50 2.51 -63.32
C ARG C 74 17.98 2.76 -63.61
N LEU C 75 18.84 2.67 -62.58
CA LEU C 75 20.27 2.78 -62.81
C LEU C 75 20.78 1.65 -63.70
N PHE C 76 20.21 0.46 -63.56
CA PHE C 76 20.71 -0.70 -64.29
C PHE C 76 20.23 -0.73 -65.74
N GLU C 77 19.01 -0.27 -66.02
CA GLU C 77 18.53 -0.28 -67.40
C GLU C 77 19.35 0.69 -68.26
N TYR C 78 19.71 1.84 -67.71
CA TYR C 78 20.48 2.81 -68.48
C TYR C 78 21.97 2.46 -68.48
N GLY C 79 22.49 1.96 -67.36
CA GLY C 79 23.87 1.55 -67.31
C GLY C 79 24.17 0.17 -67.85
N GLY C 80 23.12 -0.63 -68.09
CA GLY C 80 23.31 -1.99 -68.55
C GLY C 80 23.33 -2.98 -67.42
N PHE C 81 22.40 -3.94 -67.44
CA PHE C 81 22.39 -4.98 -66.41
C PHE C 81 23.62 -5.86 -66.54
N PRO C 82 24.26 -6.24 -65.42
CA PRO C 82 25.42 -7.13 -65.45
C PRO C 82 25.10 -8.44 -66.20
N PRO C 83 26.06 -8.94 -66.99
CA PRO C 83 27.42 -8.41 -67.11
C PRO C 83 27.64 -7.48 -68.31
N GLU C 84 26.70 -6.57 -68.58
CA GLU C 84 26.90 -5.62 -69.67
C GLU C 84 28.10 -4.72 -69.39
N SER C 85 28.12 -4.08 -68.22
CA SER C 85 29.21 -3.22 -67.82
C SER C 85 29.70 -3.63 -66.44
N ASN C 86 31.00 -3.48 -66.23
CA ASN C 86 31.57 -3.72 -64.91
C ASN C 86 31.06 -2.66 -63.93
N TYR C 87 30.78 -3.08 -62.70
CA TYR C 87 30.20 -2.21 -61.71
C TYR C 87 31.03 -2.21 -60.43
N LEU C 88 31.14 -1.04 -59.81
CA LEU C 88 31.77 -0.89 -58.50
C LEU C 88 30.95 0.10 -57.69
N PHE C 89 30.43 -0.34 -56.55
CA PHE C 89 29.62 0.50 -55.69
C PHE C 89 30.42 0.98 -54.49
N LEU C 90 29.98 2.09 -53.90
CA LEU C 90 30.72 2.80 -52.86
C LEU C 90 29.93 2.85 -51.55
N GLY C 91 29.19 1.78 -51.24
CA GLY C 91 28.50 1.69 -49.96
C GLY C 91 27.18 2.43 -49.92
N ASP C 92 26.57 2.39 -48.73
CA ASP C 92 25.27 3.03 -48.46
C ASP C 92 24.18 2.46 -49.35
N TYR C 93 23.88 1.18 -49.15
CA TYR C 93 22.82 0.51 -49.88
C TYR C 93 21.51 0.43 -49.11
N VAL C 94 21.56 0.46 -47.78
CA VAL C 94 20.39 0.29 -46.95
C VAL C 94 19.96 1.63 -46.37
N ASP C 95 18.96 1.62 -45.50
CA ASP C 95 18.51 2.79 -44.72
C ASP C 95 17.83 3.85 -45.57
N ARG C 96 17.06 4.72 -44.89
CA ARG C 96 16.49 5.93 -45.47
C ARG C 96 15.66 5.68 -46.72
N GLY C 97 15.42 4.40 -47.03
CA GLY C 97 14.57 4.03 -48.14
C GLY C 97 13.71 2.84 -47.75
N LYS C 98 12.61 2.67 -48.49
CA LYS C 98 11.62 1.68 -48.07
C LYS C 98 12.09 0.26 -48.37
N GLN C 99 12.71 0.04 -49.52
CA GLN C 99 13.12 -1.30 -49.96
C GLN C 99 14.63 -1.43 -49.83
N SER C 100 15.08 -1.69 -48.59
CA SER C 100 16.50 -1.93 -48.37
C SER C 100 16.86 -3.40 -48.63
N LEU C 101 15.96 -4.32 -48.26
CA LEU C 101 16.26 -5.75 -48.40
C LEU C 101 16.39 -6.14 -49.88
N GLU C 102 15.45 -5.70 -50.71
CA GLU C 102 15.55 -5.99 -52.14
C GLU C 102 16.80 -5.36 -52.74
N THR C 103 17.17 -4.17 -52.27
CA THR C 103 18.32 -3.48 -52.82
C THR C 103 19.61 -4.25 -52.58
N ILE C 104 19.90 -4.58 -51.31
CA ILE C 104 21.13 -5.28 -50.99
C ILE C 104 21.13 -6.69 -51.57
N CYS C 105 19.97 -7.34 -51.64
CA CYS C 105 19.93 -8.71 -52.17
C CYS C 105 20.27 -8.73 -53.65
N LEU C 106 19.70 -7.82 -54.43
CA LEU C 106 20.03 -7.75 -55.85
C LEU C 106 21.49 -7.38 -56.07
N LEU C 107 22.07 -6.60 -55.16
CA LEU C 107 23.49 -6.28 -55.25
C LEU C 107 24.33 -7.47 -54.82
N LEU C 108 23.93 -8.17 -53.75
CA LEU C 108 24.63 -9.38 -53.35
C LEU C 108 24.44 -10.50 -54.37
N ALA C 109 23.32 -10.51 -55.08
CA ALA C 109 23.08 -11.56 -56.08
C ALA C 109 24.03 -11.42 -57.26
N TYR C 110 24.17 -10.20 -57.79
CA TYR C 110 25.08 -9.97 -58.91
C TYR C 110 26.54 -10.20 -58.51
N LYS C 111 26.90 -9.87 -57.26
CA LYS C 111 28.27 -10.10 -56.80
C LYS C 111 28.63 -11.57 -56.82
N ILE C 112 27.66 -12.45 -56.63
CA ILE C 112 27.92 -13.89 -56.66
C ILE C 112 27.92 -14.41 -58.10
N ARG C 113 27.02 -13.90 -58.93
CA ARG C 113 26.91 -14.38 -60.31
C ARG C 113 28.12 -13.97 -61.14
N TYR C 114 28.56 -12.72 -61.00
CA TYR C 114 29.72 -12.20 -61.73
C TYR C 114 30.73 -11.67 -60.71
N PRO C 115 31.46 -12.57 -60.04
CA PRO C 115 32.34 -12.13 -58.95
C PRO C 115 33.54 -11.32 -59.39
N GLU C 116 33.88 -11.32 -60.69
CA GLU C 116 34.99 -10.52 -61.19
C GLU C 116 34.54 -9.36 -62.05
N ASN C 117 33.23 -9.19 -62.26
CA ASN C 117 32.70 -8.05 -62.99
C ASN C 117 31.77 -7.19 -62.15
N PHE C 118 31.60 -7.51 -60.88
CA PHE C 118 30.73 -6.77 -59.97
C PHE C 118 31.46 -6.59 -58.66
N PHE C 119 31.42 -5.38 -58.10
CA PHE C 119 32.17 -5.08 -56.89
C PHE C 119 31.39 -4.12 -56.00
N LEU C 120 31.53 -4.32 -54.69
CA LEU C 120 30.82 -3.52 -53.69
C LEU C 120 31.82 -3.07 -52.62
N LEU C 121 31.77 -1.80 -52.26
CA LEU C 121 32.58 -1.27 -51.18
C LEU C 121 31.72 -1.07 -49.93
N ARG C 122 32.40 -0.93 -48.79
CA ARG C 122 31.72 -0.71 -47.53
C ARG C 122 31.43 0.76 -47.31
N GLY C 123 30.23 1.06 -46.85
CA GLY C 123 29.85 2.40 -46.45
C GLY C 123 29.58 2.45 -44.95
N ASN C 124 29.49 3.67 -44.43
CA ASN C 124 29.23 3.85 -43.00
C ASN C 124 27.85 3.34 -42.60
N HIS C 125 26.91 3.23 -43.55
CA HIS C 125 25.63 2.60 -43.27
C HIS C 125 25.68 1.09 -43.38
N GLU C 126 26.73 0.53 -43.96
CA GLU C 126 26.95 -0.92 -43.94
C GLU C 126 27.68 -1.33 -42.67
N CYS C 127 27.23 -0.76 -41.55
CA CYS C 127 27.76 -1.05 -40.23
C CYS C 127 26.60 -1.34 -39.30
N ALA C 128 26.88 -2.09 -38.24
CA ALA C 128 25.81 -2.53 -37.34
C ALA C 128 25.19 -1.34 -36.61
N SER C 129 26.02 -0.49 -36.02
CA SER C 129 25.52 0.57 -35.14
C SER C 129 24.75 1.66 -35.87
N ILE C 130 24.77 1.70 -37.20
CA ILE C 130 24.08 2.74 -37.96
C ILE C 130 22.79 2.21 -38.58
N ASN C 131 22.88 1.10 -39.33
CA ASN C 131 21.68 0.55 -39.97
C ASN C 131 20.68 0.01 -38.96
N ARG C 132 21.08 -0.18 -37.70
CA ARG C 132 20.13 -0.52 -36.65
C ARG C 132 19.09 0.59 -36.49
N ILE C 133 19.51 1.84 -36.59
CA ILE C 133 18.66 2.97 -36.27
C ILE C 133 17.93 3.50 -37.50
N TYR C 134 18.63 3.67 -38.61
CA TYR C 134 18.10 4.39 -39.76
C TYR C 134 17.30 3.50 -40.72
N GLY C 135 16.69 2.43 -40.22
CA GLY C 135 15.61 1.78 -40.93
C GLY C 135 15.90 0.47 -41.62
N PHE C 136 17.15 -0.01 -41.64
CA PHE C 136 17.39 -1.32 -42.25
C PHE C 136 17.03 -2.44 -41.30
N TYR C 137 17.52 -2.37 -40.06
CA TYR C 137 17.15 -3.38 -39.07
C TYR C 137 15.65 -3.43 -38.84
N ASP C 138 14.97 -2.29 -38.93
CA ASP C 138 13.51 -2.30 -38.88
C ASP C 138 12.93 -3.12 -40.02
N GLU C 139 13.48 -2.96 -41.22
CA GLU C 139 13.00 -3.73 -42.37
C GLU C 139 13.21 -5.23 -42.17
N CYS C 140 14.26 -5.60 -41.44
CA CYS C 140 14.47 -7.01 -41.11
C CYS C 140 13.44 -7.48 -40.09
N LYS C 141 13.20 -6.69 -39.04
CA LYS C 141 12.26 -7.09 -38.00
C LYS C 141 10.88 -7.36 -38.57
N ARG C 142 10.40 -6.48 -39.44
CA ARG C 142 9.02 -6.57 -39.91
C ARG C 142 8.83 -7.75 -40.86
N ARG C 143 9.73 -7.90 -41.82
CA ARG C 143 9.55 -8.90 -42.87
C ARG C 143 10.23 -10.23 -42.54
N TYR C 144 11.26 -10.22 -41.70
CA TYR C 144 11.94 -11.44 -41.32
C TYR C 144 12.18 -11.42 -39.81
N ASN C 145 13.29 -11.98 -39.34
CA ASN C 145 13.57 -12.01 -37.91
C ASN C 145 14.85 -11.27 -37.59
N ILE C 146 15.12 -11.14 -36.28
CA ILE C 146 16.29 -10.42 -35.80
C ILE C 146 17.58 -11.14 -36.22
N LYS C 147 17.56 -12.47 -36.18
CA LYS C 147 18.77 -13.24 -36.48
C LYS C 147 19.25 -13.00 -37.91
N LEU C 148 18.33 -12.73 -38.84
CA LEU C 148 18.73 -12.46 -40.21
C LEU C 148 19.54 -11.16 -40.31
N TRP C 149 19.13 -10.14 -39.54
CA TRP C 149 19.89 -8.90 -39.52
C TRP C 149 21.30 -9.10 -38.98
N LYS C 150 21.47 -10.01 -38.02
CA LYS C 150 22.81 -10.34 -37.55
C LYS C 150 23.59 -11.11 -38.61
N THR C 151 22.90 -11.89 -39.44
CA THR C 151 23.56 -12.53 -40.56
C THR C 151 24.02 -11.49 -41.59
N PHE C 152 23.22 -10.44 -41.77
CA PHE C 152 23.63 -9.35 -42.66
C PHE C 152 24.85 -8.60 -42.11
N THR C 153 24.89 -8.39 -40.79
CA THR C 153 26.01 -7.69 -40.19
C THR C 153 27.31 -8.45 -40.42
N ASP C 154 27.29 -9.77 -40.23
CA ASP C 154 28.49 -10.57 -40.47
C ASP C 154 28.92 -10.53 -41.93
N CYS C 155 28.00 -10.26 -42.86
CA CYS C 155 28.38 -10.11 -44.25
C CYS C 155 29.00 -8.75 -44.52
N PHE C 156 28.43 -7.68 -43.95
CA PHE C 156 28.98 -6.35 -44.14
C PHE C 156 30.36 -6.21 -43.50
N ASN C 157 30.60 -6.91 -42.40
CA ASN C 157 31.86 -6.82 -41.67
C ASN C 157 33.05 -7.38 -42.45
N CYS C 158 32.85 -7.83 -43.69
CA CYS C 158 33.94 -8.30 -44.53
C CYS C 158 33.99 -7.60 -45.88
N LEU C 159 33.13 -6.61 -46.11
CA LEU C 159 33.17 -5.85 -47.36
C LEU C 159 34.50 -5.11 -47.48
N PRO C 160 35.01 -4.96 -48.70
CA PRO C 160 36.23 -4.16 -48.89
C PRO C 160 35.97 -2.68 -48.62
N ILE C 161 37.05 -1.97 -48.28
CA ILE C 161 36.94 -0.58 -47.85
C ILE C 161 37.18 0.38 -49.02
N ALA C 162 38.23 0.13 -49.79
CA ALA C 162 38.61 1.02 -50.89
C ALA C 162 39.01 0.21 -52.10
N ALA C 163 38.98 0.86 -53.26
CA ALA C 163 39.32 0.23 -54.52
C ALA C 163 40.14 1.20 -55.36
N ILE C 164 41.23 0.70 -55.94
CA ILE C 164 42.14 1.51 -56.75
C ILE C 164 42.04 1.01 -58.19
N VAL C 165 41.57 1.88 -59.08
CA VAL C 165 41.33 1.53 -60.48
C VAL C 165 42.52 1.99 -61.31
N ASP C 166 43.36 1.04 -61.71
CA ASP C 166 44.51 1.31 -62.59
C ASP C 166 45.46 2.35 -61.99
N GLU C 167 45.58 2.36 -60.66
CA GLU C 167 46.54 3.18 -59.93
C GLU C 167 46.38 4.68 -60.20
N LYS C 168 45.22 5.11 -60.69
CA LYS C 168 44.97 6.52 -60.92
C LYS C 168 43.64 7.02 -60.36
N ILE C 169 42.70 6.13 -60.05
CA ILE C 169 41.42 6.50 -59.45
C ILE C 169 41.32 5.83 -58.09
N PHE C 170 41.08 6.62 -57.05
CA PHE C 170 40.96 6.13 -55.68
C PHE C 170 39.51 6.24 -55.25
N CYS C 171 38.91 5.10 -54.91
CA CYS C 171 37.49 5.02 -54.60
C CYS C 171 37.28 4.55 -53.16
N CYS C 172 36.34 5.22 -52.49
CA CYS C 172 35.90 4.86 -51.14
C CYS C 172 34.62 5.64 -50.88
N HIS C 173 33.90 5.24 -49.82
CA HIS C 173 32.63 5.90 -49.53
C HIS C 173 32.86 7.31 -49.00
N GLY C 174 33.61 7.44 -47.90
CA GLY C 174 33.77 8.72 -47.23
C GLY C 174 34.79 9.65 -47.85
N GLY C 175 36.05 9.49 -47.45
CA GLY C 175 37.09 10.36 -47.95
C GLY C 175 38.44 9.99 -47.37
N LEU C 176 39.33 10.98 -47.34
CA LEU C 176 40.71 10.77 -46.93
C LEU C 176 40.81 10.73 -45.41
N SER C 177 41.99 10.29 -44.94
CA SER C 177 42.22 10.07 -43.52
C SER C 177 43.57 10.67 -43.14
N PRO C 178 43.65 11.42 -42.03
CA PRO C 178 44.95 11.96 -41.60
C PRO C 178 45.96 10.89 -41.26
N ASP C 179 45.51 9.68 -40.92
CA ASP C 179 46.39 8.58 -40.55
C ASP C 179 46.78 7.72 -41.74
N LEU C 180 46.34 8.06 -42.95
CA LEU C 180 46.59 7.27 -44.14
C LEU C 180 47.88 7.74 -44.79
N GLN C 181 48.95 6.95 -44.66
CA GLN C 181 50.25 7.29 -45.21
C GLN C 181 50.71 6.35 -46.32
N SER C 182 50.31 5.08 -46.28
CA SER C 182 50.63 4.13 -47.33
C SER C 182 49.48 3.16 -47.48
N MET C 183 49.34 2.61 -48.68
CA MET C 183 48.27 1.65 -48.95
C MET C 183 48.42 0.38 -48.12
N GLU C 184 49.61 0.11 -47.60
CA GLU C 184 49.82 -1.08 -46.77
C GLU C 184 49.00 -1.00 -45.48
N GLN C 185 48.74 0.22 -44.99
CA GLN C 185 47.86 0.38 -43.84
C GLN C 185 46.43 -0.04 -44.16
N ILE C 186 46.00 0.14 -45.42
CA ILE C 186 44.66 -0.31 -45.82
C ILE C 186 44.63 -1.82 -45.95
N ARG C 187 45.71 -2.41 -46.47
CA ARG C 187 45.77 -3.86 -46.58
C ARG C 187 45.99 -4.52 -45.22
N ARG C 188 46.64 -3.81 -44.29
CA ARG C 188 46.93 -4.37 -42.98
C ARG C 188 45.65 -4.66 -42.18
N ILE C 189 44.55 -4.02 -42.55
CA ILE C 189 43.28 -4.26 -41.86
C ILE C 189 42.83 -5.69 -42.12
N MET C 190 42.54 -6.43 -41.06
CA MET C 190 42.24 -7.86 -41.13
C MET C 190 40.76 -8.08 -40.86
N ARG C 191 40.04 -8.54 -41.87
CA ARG C 191 38.60 -8.82 -41.76
C ARG C 191 38.37 -10.19 -41.12
N PRO C 192 37.21 -10.38 -40.45
CA PRO C 192 36.09 -9.46 -40.28
C PRO C 192 36.39 -8.30 -39.32
N THR C 193 35.81 -7.14 -39.61
CA THR C 193 36.09 -5.93 -38.85
C THR C 193 34.80 -5.19 -38.54
N ASP C 194 34.77 -4.57 -37.36
CA ASP C 194 33.75 -3.59 -37.03
C ASP C 194 34.31 -2.20 -37.32
N VAL C 195 33.44 -1.32 -37.81
CA VAL C 195 33.84 0.06 -38.10
C VAL C 195 34.00 0.80 -36.78
N PRO C 196 35.20 1.26 -36.43
CA PRO C 196 35.40 1.92 -35.14
C PRO C 196 34.87 3.35 -35.16
N ASP C 197 34.90 3.98 -33.99
CA ASP C 197 34.41 5.35 -33.84
C ASP C 197 35.45 6.39 -34.25
N GLN C 198 36.70 5.99 -34.46
CA GLN C 198 37.75 6.92 -34.84
C GLN C 198 38.92 6.14 -35.39
N GLY C 199 39.73 6.81 -36.20
CA GLY C 199 40.94 6.22 -36.74
C GLY C 199 40.87 6.06 -38.25
N LEU C 200 41.84 5.31 -38.77
CA LEU C 200 42.00 5.16 -40.21
C LEU C 200 40.76 4.54 -40.85
N LEU C 201 40.33 3.38 -40.35
CA LEU C 201 39.19 2.69 -40.94
C LEU C 201 37.92 3.53 -40.82
N CYS C 202 37.77 4.23 -39.69
CA CYS C 202 36.58 5.07 -39.51
C CYS C 202 36.58 6.25 -40.48
N ASP C 203 37.76 6.82 -40.75
CA ASP C 203 37.83 8.03 -41.57
C ASP C 203 37.53 7.73 -43.03
N LEU C 204 38.00 6.58 -43.53
CA LEU C 204 37.78 6.23 -44.93
C LEU C 204 36.30 6.11 -45.28
N LEU C 205 35.43 5.99 -44.28
CA LEU C 205 34.00 5.82 -44.49
C LEU C 205 33.18 7.02 -44.02
N TRP C 206 33.82 8.06 -43.48
CA TRP C 206 33.08 9.14 -42.83
C TRP C 206 33.54 10.55 -43.18
N SER C 207 34.74 10.76 -43.70
CA SER C 207 35.27 12.10 -43.87
C SER C 207 34.69 12.77 -45.12
N ASP C 208 34.56 14.10 -45.04
CA ASP C 208 34.00 14.92 -46.10
C ASP C 208 35.03 15.92 -46.62
N PRO C 209 34.90 16.36 -47.87
CA PRO C 209 35.70 17.50 -48.33
C PRO C 209 35.02 18.83 -47.99
N ASP C 210 35.86 19.82 -47.72
CA ASP C 210 35.37 21.15 -47.38
C ASP C 210 36.25 22.19 -48.05
N LYS C 211 35.63 23.14 -48.74
CA LYS C 211 36.36 24.19 -49.46
C LYS C 211 36.94 25.25 -48.53
N ASP C 212 36.42 25.36 -47.31
CA ASP C 212 36.86 26.41 -46.39
C ASP C 212 37.99 25.98 -45.47
N VAL C 213 38.22 24.67 -45.32
CA VAL C 213 39.24 24.19 -44.41
C VAL C 213 40.58 24.18 -45.14
N GLN C 214 41.59 24.76 -44.50
CA GLN C 214 42.99 24.64 -44.95
C GLN C 214 43.62 23.56 -44.09
N GLY C 215 43.54 22.32 -44.55
CA GLY C 215 44.05 21.20 -43.81
C GLY C 215 42.97 20.25 -43.33
N TRP C 216 43.08 19.78 -42.09
CA TRP C 216 42.14 18.85 -41.49
C TRP C 216 41.32 19.56 -40.43
N GLY C 217 40.01 19.64 -40.64
CA GLY C 217 39.11 20.25 -39.69
C GLY C 217 38.10 19.24 -39.15
N GLU C 218 37.39 19.64 -38.11
CA GLU C 218 36.42 18.77 -37.46
C GLU C 218 35.10 18.74 -38.24
N ASN C 219 34.50 17.56 -38.32
CA ASN C 219 33.30 17.34 -39.11
C ASN C 219 32.06 17.68 -38.30
N ASP C 220 31.02 18.13 -39.01
CA ASP C 220 29.75 18.45 -38.36
C ASP C 220 29.08 17.20 -37.80
N ARG C 221 29.26 16.05 -38.45
CA ARG C 221 28.62 14.82 -38.02
C ARG C 221 29.09 14.33 -36.66
N GLY C 222 30.14 14.93 -36.10
CA GLY C 222 30.72 14.43 -34.87
C GLY C 222 31.60 13.21 -35.05
N VAL C 223 31.89 12.82 -36.29
CA VAL C 223 32.71 11.67 -36.59
C VAL C 223 33.75 12.07 -37.63
N SER C 224 34.97 11.58 -37.46
CA SER C 224 36.08 11.75 -38.43
C SER C 224 36.38 13.24 -38.59
N PHE C 225 36.92 13.61 -39.74
CA PHE C 225 37.40 14.96 -40.00
C PHE C 225 36.90 15.43 -41.36
N THR C 226 37.25 16.67 -41.72
CA THR C 226 37.06 17.21 -43.05
C THR C 226 38.42 17.63 -43.62
N PHE C 227 38.57 17.47 -44.93
CA PHE C 227 39.83 17.80 -45.59
C PHE C 227 39.60 18.87 -46.65
N GLY C 228 40.65 19.66 -46.88
CA GLY C 228 40.59 20.76 -47.83
C GLY C 228 41.27 20.41 -49.16
N ALA C 229 41.34 21.43 -50.02
CA ALA C 229 41.83 21.21 -51.38
C ALA C 229 43.32 20.91 -51.40
N GLU C 230 44.08 21.40 -50.42
CA GLU C 230 45.50 21.10 -50.36
C GLU C 230 45.79 19.71 -49.83
N VAL C 231 44.85 19.11 -49.09
CA VAL C 231 45.03 17.74 -48.63
C VAL C 231 44.85 16.76 -49.78
N VAL C 232 43.87 17.02 -50.66
CA VAL C 232 43.64 16.15 -51.81
C VAL C 232 44.81 16.23 -52.78
N ALA C 233 45.34 17.43 -53.00
CA ALA C 233 46.42 17.59 -53.98
C ALA C 233 47.70 16.88 -53.53
N LYS C 234 48.05 17.00 -52.24
CA LYS C 234 49.25 16.34 -51.74
C LYS C 234 49.09 14.83 -51.75
N PHE C 235 47.88 14.33 -51.51
CA PHE C 235 47.65 12.89 -51.49
C PHE C 235 47.81 12.29 -52.88
N LEU C 236 47.16 12.90 -53.89
CA LEU C 236 47.32 12.44 -55.27
C LEU C 236 48.77 12.51 -55.71
N HIS C 237 49.53 13.45 -55.15
CA HIS C 237 50.92 13.64 -55.55
C HIS C 237 51.83 12.56 -54.98
N LYS C 238 51.57 12.12 -53.75
CA LYS C 238 52.47 11.18 -53.09
C LYS C 238 52.30 9.75 -53.60
N HIS C 239 51.10 9.37 -54.01
CA HIS C 239 50.82 8.01 -54.45
C HIS C 239 50.66 7.90 -55.97
N ASP C 240 51.07 8.93 -56.70
CA ASP C 240 50.97 8.97 -58.16
C ASP C 240 49.53 8.70 -58.62
N LEU C 241 48.60 9.35 -57.93
CA LEU C 241 47.18 9.26 -58.24
C LEU C 241 46.70 10.52 -58.92
N ASP C 242 45.56 10.42 -59.61
CA ASP C 242 45.02 11.53 -60.37
C ASP C 242 43.60 11.94 -59.98
N LEU C 243 42.85 11.07 -59.31
CA LEU C 243 41.46 11.36 -59.01
C LEU C 243 41.03 10.61 -57.75
N ILE C 244 40.19 11.25 -56.95
CA ILE C 244 39.59 10.63 -55.76
C ILE C 244 38.08 10.65 -55.97
N CYS C 245 37.48 9.47 -56.14
CA CYS C 245 36.05 9.34 -56.30
C CYS C 245 35.44 8.88 -54.99
N ARG C 246 34.30 9.50 -54.61
CA ARG C 246 33.70 9.25 -53.32
C ARG C 246 32.20 9.49 -53.40
N ALA C 247 31.51 9.20 -52.30
CA ALA C 247 30.08 9.42 -52.19
C ALA C 247 29.76 10.15 -50.88
N HIS C 248 28.95 9.55 -50.02
CA HIS C 248 28.75 9.95 -48.63
C HIS C 248 28.10 11.32 -48.48
N GLN C 249 27.79 12.02 -49.57
CA GLN C 249 27.17 13.34 -49.48
C GLN C 249 26.20 13.51 -50.62
N VAL C 250 24.96 13.88 -50.29
CA VAL C 250 23.94 14.10 -51.31
C VAL C 250 24.25 15.40 -52.06
N VAL C 251 24.23 15.32 -53.39
CA VAL C 251 24.54 16.46 -54.24
C VAL C 251 23.36 16.72 -55.16
N GLU C 252 23.17 18.01 -55.49
CA GLU C 252 22.00 18.42 -56.25
C GLU C 252 22.01 17.87 -57.67
N ASP C 253 23.17 17.89 -58.33
CA ASP C 253 23.28 17.51 -59.74
C ASP C 253 23.68 16.06 -59.94
N GLY C 254 23.71 15.24 -58.88
CA GLY C 254 24.16 13.87 -58.99
C GLY C 254 25.66 13.74 -58.98
N TYR C 255 26.35 14.81 -59.39
CA TYR C 255 27.80 14.87 -59.33
C TYR C 255 28.18 16.27 -58.86
N GLU C 256 29.27 16.34 -58.09
CA GLU C 256 29.81 17.61 -57.63
C GLU C 256 31.32 17.54 -57.61
N PHE C 257 31.96 18.47 -58.28
CA PHE C 257 33.41 18.51 -58.36
C PHE C 257 34.00 19.27 -57.18
N PHE C 258 35.26 18.93 -56.87
CA PHE C 258 35.95 19.54 -55.73
C PHE C 258 37.43 19.67 -56.07
N ALA C 259 38.02 20.78 -55.62
CA ALA C 259 39.45 21.03 -55.78
C ALA C 259 39.87 21.01 -57.24
N LYS C 260 39.14 21.77 -58.07
CA LYS C 260 39.43 21.91 -59.50
C LYS C 260 39.46 20.55 -60.19
N ARG C 261 38.35 19.81 -60.06
CA ARG C 261 38.11 18.51 -60.67
C ARG C 261 39.06 17.43 -60.20
N GLN C 262 39.81 17.65 -59.13
CA GLN C 262 40.67 16.59 -58.58
C GLN C 262 39.91 15.61 -57.71
N LEU C 263 38.64 15.88 -57.42
CA LEU C 263 37.81 15.01 -56.60
C LEU C 263 36.36 15.25 -56.98
N VAL C 264 35.55 14.19 -56.91
CA VAL C 264 34.15 14.26 -57.30
C VAL C 264 33.33 13.42 -56.33
N THR C 265 32.16 13.94 -55.94
CA THR C 265 31.23 13.24 -55.08
C THR C 265 30.09 12.67 -55.90
N LEU C 266 29.80 11.39 -55.72
CA LEU C 266 28.77 10.69 -56.47
C LEU C 266 27.63 10.29 -55.55
N PHE C 267 26.40 10.49 -56.03
CA PHE C 267 25.20 10.07 -55.30
C PHE C 267 24.25 9.47 -56.33
N SER C 268 23.93 8.19 -56.17
CA SER C 268 23.19 7.45 -57.19
C SER C 268 21.70 7.37 -56.92
N ALA C 269 21.24 7.84 -55.76
CA ALA C 269 19.84 7.74 -55.41
C ALA C 269 19.16 9.08 -55.69
N PRO C 270 18.40 9.22 -56.76
CA PRO C 270 17.70 10.49 -57.01
C PRO C 270 16.46 10.61 -56.14
N ASN C 271 16.06 11.85 -55.89
CA ASN C 271 14.96 12.15 -54.99
C ASN C 271 15.17 11.47 -53.63
N TYR C 272 16.38 11.64 -53.09
CA TYR C 272 16.85 10.94 -51.89
C TYR C 272 15.89 11.05 -50.71
N CYS C 273 15.27 9.92 -50.34
CA CYS C 273 14.31 9.80 -49.23
C CYS C 273 13.23 10.89 -49.25
N GLY C 274 12.98 11.53 -50.38
CA GLY C 274 11.80 12.37 -50.50
C GLY C 274 11.86 13.68 -49.76
N GLU C 275 13.02 14.05 -49.21
CA GLU C 275 13.23 15.36 -48.61
C GLU C 275 14.19 16.23 -49.43
N PHE C 276 14.61 15.76 -50.61
CA PHE C 276 15.39 16.56 -51.55
C PHE C 276 14.83 16.35 -52.95
N ASP C 277 15.08 17.32 -53.84
CA ASP C 277 14.73 17.17 -55.24
C ASP C 277 15.95 16.86 -56.11
N ASN C 278 16.98 16.28 -55.52
CA ASN C 278 18.22 16.03 -56.22
C ASN C 278 18.06 14.91 -57.24
N ALA C 279 19.08 14.77 -58.07
CA ALA C 279 19.14 13.76 -59.12
C ALA C 279 20.31 12.82 -58.84
N GLY C 280 20.24 11.64 -59.45
CA GLY C 280 21.24 10.60 -59.24
C GLY C 280 22.09 10.43 -60.50
N ALA C 281 23.40 10.32 -60.28
CA ALA C 281 24.37 10.18 -61.37
C ALA C 281 25.31 9.02 -61.07
N MET C 282 25.89 8.49 -62.14
CA MET C 282 26.91 7.47 -62.05
C MET C 282 28.05 7.85 -62.98
N MET C 283 29.27 7.43 -62.63
CA MET C 283 30.47 7.78 -63.38
C MET C 283 30.88 6.59 -64.24
N SER C 284 30.95 6.81 -65.55
CA SER C 284 31.41 5.81 -66.49
C SER C 284 32.90 6.01 -66.78
N VAL C 285 33.63 4.91 -66.92
CA VAL C 285 35.05 4.94 -67.20
C VAL C 285 35.33 4.05 -68.41
N ASP C 286 36.03 4.60 -69.39
CA ASP C 286 36.40 3.86 -70.59
C ASP C 286 37.74 3.16 -70.36
N GLU C 287 38.32 2.63 -71.43
CA GLU C 287 39.63 1.97 -71.29
C GLU C 287 40.73 2.98 -71.05
N THR C 288 40.64 4.15 -71.67
CA THR C 288 41.66 5.20 -71.56
C THR C 288 41.47 6.08 -70.31
N LEU C 289 40.87 5.53 -69.25
CA LEU C 289 40.67 6.25 -67.98
C LEU C 289 39.99 7.61 -68.21
N MET C 290 39.18 7.70 -69.24
CA MET C 290 38.35 8.87 -69.52
C MET C 290 36.97 8.66 -68.91
N CYS C 291 36.42 9.71 -68.32
CA CYS C 291 35.26 9.60 -67.46
C CYS C 291 34.09 10.39 -68.04
N SER C 292 32.91 9.78 -68.05
CA SER C 292 31.67 10.40 -68.47
C SER C 292 30.60 10.17 -67.41
N PHE C 293 29.82 11.21 -67.12
CA PHE C 293 28.77 11.12 -66.11
C PHE C 293 27.44 10.78 -66.76
N GLN C 294 26.75 9.78 -66.20
CA GLN C 294 25.41 9.39 -66.62
C GLN C 294 24.46 9.70 -65.48
N ILE C 295 23.43 10.49 -65.76
CA ILE C 295 22.58 11.09 -64.73
C ILE C 295 21.15 10.61 -64.88
N LEU C 296 20.52 10.30 -63.75
CA LEU C 296 19.09 10.06 -63.64
C LEU C 296 18.46 11.27 -62.95
N LYS C 297 17.55 11.95 -63.65
CA LYS C 297 16.89 13.13 -63.11
C LYS C 297 15.38 12.92 -63.09
N PRO C 298 14.71 13.13 -61.97
CA PRO C 298 13.25 13.08 -61.97
C PRO C 298 12.64 14.34 -62.56
N ALA C 299 11.41 14.20 -63.06
CA ALA C 299 10.69 15.33 -63.65
C ALA C 299 9.53 15.76 -62.76
N LYS D 6 -49.12 -23.74 50.48
CA LYS D 6 -48.77 -23.81 51.90
C LYS D 6 -47.42 -23.16 52.15
N LEU D 7 -47.44 -21.94 52.70
CA LEU D 7 -46.22 -21.21 53.04
C LEU D 7 -45.92 -21.49 54.52
N ASN D 8 -45.14 -22.53 54.76
CA ASN D 8 -44.74 -22.90 56.13
C ASN D 8 -43.55 -22.02 56.54
N LEU D 9 -43.87 -20.76 56.84
CA LEU D 9 -42.83 -19.80 57.19
C LEU D 9 -42.09 -20.21 58.46
N ASP D 10 -42.80 -20.82 59.41
CA ASP D 10 -42.19 -21.19 60.68
C ASP D 10 -41.08 -22.22 60.49
N SER D 11 -41.23 -23.12 59.52
CA SER D 11 -40.18 -24.10 59.23
C SER D 11 -39.07 -23.52 58.37
N ILE D 12 -39.39 -22.57 57.50
CA ILE D 12 -38.37 -21.97 56.63
C ILE D 12 -37.34 -21.23 57.47
N ILE D 13 -37.81 -20.37 58.38
CA ILE D 13 -36.89 -19.64 59.24
C ILE D 13 -36.10 -20.58 60.12
N GLY D 14 -36.69 -21.71 60.52
CA GLY D 14 -35.98 -22.68 61.34
C GLY D 14 -34.82 -23.31 60.61
N ARG D 15 -35.06 -23.81 59.39
CA ARG D 15 -33.99 -24.43 58.62
C ARG D 15 -32.93 -23.42 58.20
N LEU D 16 -33.30 -22.15 58.05
CA LEU D 16 -32.32 -21.14 57.68
C LEU D 16 -31.38 -20.80 58.83
N LEU D 17 -31.92 -20.71 60.05
CA LEU D 17 -31.11 -20.38 61.22
C LEU D 17 -30.40 -21.58 61.83
N GLU D 18 -30.72 -22.79 61.38
CA GLU D 18 -30.14 -24.00 61.97
C GLU D 18 -28.64 -24.11 61.71
N VAL D 19 -28.15 -23.56 60.60
CA VAL D 19 -26.73 -23.66 60.25
C VAL D 19 -25.85 -22.74 61.09
N GLN D 20 -26.44 -21.75 61.74
CA GLN D 20 -25.73 -20.93 62.71
C GLN D 20 -24.96 -21.79 63.71
N GLY D 21 -23.69 -21.46 63.92
CA GLY D 21 -22.83 -22.25 64.79
C GLY D 21 -22.07 -23.36 64.10
N SER D 22 -22.51 -23.78 62.91
CA SER D 22 -21.77 -24.79 62.18
C SER D 22 -20.55 -24.16 61.49
N ARG D 23 -19.67 -25.02 60.99
CA ARG D 23 -18.52 -24.55 60.23
C ARG D 23 -19.00 -23.74 59.04
N PRO D 24 -18.52 -22.50 58.86
CA PRO D 24 -18.99 -21.69 57.73
C PRO D 24 -18.73 -22.38 56.39
N GLY D 25 -19.74 -22.35 55.53
CA GLY D 25 -19.67 -23.01 54.24
C GLY D 25 -20.75 -24.07 54.06
N LYS D 26 -21.73 -24.08 54.94
CA LYS D 26 -22.82 -25.05 54.94
C LYS D 26 -24.08 -24.37 54.42
N ASN D 27 -24.62 -24.90 53.31
CA ASN D 27 -25.74 -24.29 52.64
C ASN D 27 -27.07 -24.68 53.29
N VAL D 28 -28.12 -23.93 52.93
CA VAL D 28 -29.49 -24.21 53.33
C VAL D 28 -30.31 -24.29 52.05
N GLN D 29 -30.65 -25.51 51.63
CA GLN D 29 -31.35 -25.73 50.37
C GLN D 29 -32.84 -25.85 50.64
N LEU D 30 -33.53 -24.72 50.63
CA LEU D 30 -34.98 -24.74 50.66
C LEU D 30 -35.53 -25.21 49.32
N THR D 31 -36.77 -25.70 49.33
CA THR D 31 -37.39 -26.10 48.09
C THR D 31 -37.77 -24.88 47.26
N GLU D 32 -37.72 -25.04 45.94
CA GLU D 32 -38.02 -23.94 45.03
C GLU D 32 -39.36 -23.29 45.34
N ASN D 33 -40.36 -24.10 45.71
CA ASN D 33 -41.67 -23.54 46.00
C ASN D 33 -41.67 -22.71 47.28
N GLU D 34 -40.75 -22.99 48.20
CA GLU D 34 -40.65 -22.19 49.42
C GLU D 34 -40.02 -20.83 49.13
N ILE D 35 -38.96 -20.81 48.31
CA ILE D 35 -38.31 -19.56 47.96
C ILE D 35 -39.23 -18.73 47.06
N ARG D 36 -39.80 -19.37 46.03
CA ARG D 36 -40.77 -18.69 45.18
C ARG D 36 -41.93 -18.13 46.01
N GLY D 37 -42.34 -18.86 47.05
CA GLY D 37 -43.40 -18.37 47.90
C GLY D 37 -42.97 -17.18 48.73
N LEU D 38 -41.71 -17.16 49.17
CA LEU D 38 -41.19 -16.01 49.91
C LEU D 38 -41.23 -14.75 49.04
N CYS D 39 -40.85 -14.87 47.77
CA CYS D 39 -40.86 -13.72 46.88
C CYS D 39 -42.28 -13.21 46.66
N LEU D 40 -43.20 -14.10 46.30
CA LEU D 40 -44.57 -13.68 46.00
C LEU D 40 -45.26 -13.12 47.24
N LYS D 41 -44.91 -13.61 48.42
CA LYS D 41 -45.52 -13.09 49.64
C LYS D 41 -44.92 -11.75 50.04
N SER D 42 -43.62 -11.57 49.81
CA SER D 42 -42.97 -10.30 50.15
C SER D 42 -43.25 -9.24 49.10
N ARG D 43 -43.29 -9.63 47.81
CA ARG D 43 -43.68 -8.69 46.76
C ARG D 43 -45.07 -8.13 47.02
N GLU D 44 -45.94 -8.91 47.64
CA GLU D 44 -47.25 -8.40 48.04
C GLU D 44 -47.12 -7.35 49.15
N ILE D 45 -46.18 -7.58 50.08
CA ILE D 45 -46.03 -6.65 51.20
C ILE D 45 -45.35 -5.37 50.75
N PHE D 46 -44.33 -5.48 49.88
CA PHE D 46 -43.59 -4.31 49.44
C PHE D 46 -44.48 -3.37 48.62
N LEU D 47 -45.31 -3.92 47.74
CA LEU D 47 -46.16 -3.08 46.90
C LEU D 47 -47.26 -2.40 47.70
N SER D 48 -47.74 -3.05 48.76
CA SER D 48 -48.77 -2.42 49.60
C SER D 48 -48.17 -1.30 50.44
N GLN D 49 -47.00 -1.51 51.01
CA GLN D 49 -46.34 -0.48 51.80
C GLN D 49 -45.90 0.67 50.91
N PRO D 50 -45.93 1.90 51.42
CA PRO D 50 -45.55 3.05 50.58
C PRO D 50 -44.10 2.97 50.14
N ILE D 51 -43.87 3.38 48.88
CA ILE D 51 -42.54 3.26 48.28
C ILE D 51 -41.51 4.05 49.08
N LEU D 52 -41.93 5.14 49.70
CA LEU D 52 -41.07 5.96 50.55
C LEU D 52 -41.48 5.68 51.99
N LEU D 53 -40.79 4.73 52.62
CA LEU D 53 -41.16 4.30 53.96
C LEU D 53 -41.01 5.44 54.97
N GLU D 54 -41.88 5.42 55.98
CA GLU D 54 -41.83 6.36 57.10
C GLU D 54 -41.92 5.55 58.37
N LEU D 55 -40.77 5.35 59.02
CA LEU D 55 -40.65 4.45 60.17
C LEU D 55 -40.50 5.27 61.45
N GLU D 56 -40.64 4.57 62.58
CA GLU D 56 -40.56 5.18 63.90
C GLU D 56 -39.47 4.49 64.71
N ALA D 57 -38.65 5.29 65.38
CA ALA D 57 -37.59 4.79 66.24
C ALA D 57 -38.18 4.17 67.51
N PRO D 58 -37.42 3.30 68.21
CA PRO D 58 -36.03 2.84 67.97
C PRO D 58 -35.90 1.90 66.77
N LEU D 59 -34.70 1.81 66.22
CA LEU D 59 -34.46 1.10 64.97
C LEU D 59 -32.98 0.88 64.79
N LYS D 60 -32.60 -0.32 64.35
CA LYS D 60 -31.22 -0.66 64.05
C LYS D 60 -31.04 -0.73 62.54
N ILE D 61 -30.09 0.03 62.01
CA ILE D 61 -29.88 0.18 60.57
C ILE D 61 -28.63 -0.58 60.16
N CYS D 62 -28.75 -1.41 59.13
CA CYS D 62 -27.63 -2.14 58.56
C CYS D 62 -27.42 -1.70 57.12
N GLY D 63 -26.19 -1.89 56.64
CA GLY D 63 -25.82 -1.46 55.30
C GLY D 63 -25.83 -2.57 54.27
N ASP D 64 -24.65 -2.95 53.79
CA ASP D 64 -24.49 -3.97 52.77
C ASP D 64 -24.10 -5.30 53.41
N ILE D 65 -24.72 -6.38 52.93
CA ILE D 65 -24.42 -7.73 53.40
C ILE D 65 -23.71 -8.53 52.33
N HIS D 66 -24.18 -8.45 51.08
CA HIS D 66 -23.50 -9.01 49.92
C HIS D 66 -23.22 -10.51 50.10
N GLY D 67 -24.27 -11.27 50.41
CA GLY D 67 -24.21 -12.70 50.39
C GLY D 67 -23.43 -13.37 51.49
N GLN D 68 -22.76 -12.60 52.34
CA GLN D 68 -22.03 -13.15 53.48
C GLN D 68 -23.05 -13.52 54.55
N TYR D 69 -23.67 -14.68 54.37
CA TYR D 69 -24.81 -15.07 55.21
C TYR D 69 -24.38 -15.29 56.66
N TYR D 70 -23.28 -16.00 56.89
CA TYR D 70 -22.80 -16.21 58.24
C TYR D 70 -22.48 -14.90 58.94
N ASP D 71 -21.96 -13.90 58.20
CA ASP D 71 -21.73 -12.60 58.79
C ASP D 71 -23.03 -11.88 59.11
N LEU D 72 -24.09 -12.15 58.34
CA LEU D 72 -25.41 -11.65 58.71
C LEU D 72 -25.92 -12.28 59.99
N LEU D 73 -25.62 -13.56 60.20
CA LEU D 73 -26.03 -14.23 61.43
C LEU D 73 -25.29 -13.66 62.64
N ARG D 74 -24.02 -13.30 62.46
CA ARG D 74 -23.29 -12.65 63.55
C ARG D 74 -23.89 -11.28 63.85
N LEU D 75 -24.34 -10.55 62.82
CA LEU D 75 -24.98 -9.26 63.04
C LEU D 75 -26.28 -9.41 63.83
N PHE D 76 -27.10 -10.39 63.47
CA PHE D 76 -28.32 -10.63 64.23
C PHE D 76 -28.01 -11.17 65.62
N GLU D 77 -26.91 -11.91 65.77
CA GLU D 77 -26.52 -12.43 67.08
C GLU D 77 -26.28 -11.29 68.07
N TYR D 78 -25.54 -10.26 67.64
CA TYR D 78 -25.25 -9.16 68.54
C TYR D 78 -26.44 -8.20 68.65
N GLY D 79 -26.97 -7.75 67.51
CA GLY D 79 -28.10 -6.84 67.52
C GLY D 79 -29.39 -7.42 68.09
N GLY D 80 -29.50 -8.75 68.15
CA GLY D 80 -30.72 -9.37 68.58
C GLY D 80 -31.56 -9.88 67.42
N PHE D 81 -31.88 -11.16 67.44
CA PHE D 81 -32.70 -11.72 66.38
C PHE D 81 -34.11 -11.14 66.43
N PRO D 82 -34.73 -10.88 65.27
CA PRO D 82 -36.08 -10.33 65.22
C PRO D 82 -37.10 -11.21 65.95
N PRO D 83 -38.05 -10.59 66.67
CA PRO D 83 -38.21 -9.13 66.74
C PRO D 83 -37.65 -8.52 68.02
N GLU D 84 -36.37 -8.72 68.31
CA GLU D 84 -35.77 -8.05 69.47
C GLU D 84 -35.63 -6.55 69.22
N SER D 85 -35.28 -6.16 68.00
CA SER D 85 -35.19 -4.76 67.62
C SER D 85 -35.72 -4.58 66.21
N ASN D 86 -36.23 -3.39 65.93
CA ASN D 86 -36.63 -3.06 64.58
C ASN D 86 -35.40 -2.95 63.68
N TYR D 87 -35.56 -3.35 62.42
CA TYR D 87 -34.45 -3.40 61.48
C TYR D 87 -34.79 -2.67 60.19
N LEU D 88 -33.80 -1.97 59.65
CA LEU D 88 -33.87 -1.36 58.34
C LEU D 88 -32.62 -1.71 57.57
N PHE D 89 -32.78 -2.15 56.33
CA PHE D 89 -31.67 -2.54 55.48
C PHE D 89 -31.62 -1.64 54.26
N LEU D 90 -30.40 -1.29 53.84
CA LEU D 90 -30.16 -0.31 52.79
C LEU D 90 -29.70 -0.99 51.49
N GLY D 91 -30.30 -2.11 51.15
CA GLY D 91 -30.01 -2.79 49.89
C GLY D 91 -28.69 -3.52 49.90
N ASP D 92 -28.36 -4.08 48.73
CA ASP D 92 -27.13 -4.84 48.50
C ASP D 92 -27.08 -6.08 49.41
N TYR D 93 -28.01 -7.00 49.16
CA TYR D 93 -28.05 -8.26 49.90
C TYR D 93 -27.41 -9.42 49.15
N VAL D 94 -27.33 -9.36 47.82
CA VAL D 94 -26.80 -10.45 47.01
C VAL D 94 -25.44 -10.06 46.45
N ASP D 95 -24.88 -10.92 45.59
CA ASP D 95 -23.62 -10.69 44.89
C ASP D 95 -22.41 -10.68 45.82
N ARG D 96 -21.24 -10.94 45.26
CA ARG D 96 -19.94 -10.86 45.93
C ARG D 96 -19.87 -11.72 47.19
N GLY D 97 -20.82 -12.61 47.41
CA GLY D 97 -20.79 -13.51 48.55
C GLY D 97 -21.23 -14.89 48.11
N LYS D 98 -20.69 -15.90 48.79
CA LYS D 98 -20.92 -17.27 48.38
C LYS D 98 -22.29 -17.79 48.79
N GLN D 99 -23.11 -17.01 49.48
CA GLN D 99 -24.43 -17.43 49.92
C GLN D 99 -25.42 -16.26 49.85
N SER D 100 -25.68 -15.78 48.63
CA SER D 100 -26.70 -14.75 48.45
C SER D 100 -28.08 -15.29 48.77
N LEU D 101 -28.35 -16.56 48.43
CA LEU D 101 -29.69 -17.10 48.57
C LEU D 101 -30.13 -17.17 50.02
N GLU D 102 -29.32 -17.78 50.89
CA GLU D 102 -29.68 -17.86 52.30
C GLU D 102 -29.84 -16.47 52.90
N THR D 103 -29.05 -15.49 52.42
CA THR D 103 -29.16 -14.13 52.94
C THR D 103 -30.51 -13.52 52.59
N ILE D 104 -30.81 -13.40 51.29
CA ILE D 104 -32.05 -12.77 50.87
C ILE D 104 -33.26 -13.57 51.34
N CYS D 105 -33.14 -14.90 51.44
CA CYS D 105 -34.25 -15.71 51.94
C CYS D 105 -34.56 -15.38 53.39
N LEU D 106 -33.53 -15.39 54.25
CA LEU D 106 -33.75 -15.08 55.66
C LEU D 106 -34.24 -13.65 55.84
N LEU D 107 -33.76 -12.72 55.01
CA LEU D 107 -34.24 -11.34 55.07
C LEU D 107 -35.68 -11.25 54.62
N LEU D 108 -36.03 -11.90 53.51
CA LEU D 108 -37.41 -11.88 53.03
C LEU D 108 -38.34 -12.61 53.98
N ALA D 109 -37.85 -13.66 54.64
CA ALA D 109 -38.70 -14.41 55.57
C ALA D 109 -39.05 -13.58 56.79
N TYR D 110 -38.09 -12.79 57.31
CA TYR D 110 -38.37 -11.92 58.44
C TYR D 110 -39.32 -10.79 58.06
N LYS D 111 -39.16 -10.24 56.85
CA LYS D 111 -40.09 -9.23 56.37
C LYS D 111 -41.52 -9.77 56.30
N ILE D 112 -41.66 -11.08 56.11
CA ILE D 112 -42.99 -11.68 56.04
C ILE D 112 -43.52 -12.00 57.43
N ARG D 113 -42.65 -12.39 58.36
CA ARG D 113 -43.14 -12.73 59.71
C ARG D 113 -43.45 -11.49 60.53
N TYR D 114 -42.51 -10.54 60.59
CA TYR D 114 -42.70 -9.29 61.33
C TYR D 114 -42.64 -8.13 60.34
N PRO D 115 -43.73 -7.86 59.62
CA PRO D 115 -43.71 -6.80 58.60
C PRO D 115 -43.71 -5.39 59.16
N GLU D 116 -43.83 -5.20 60.47
CA GLU D 116 -43.80 -3.88 61.07
C GLU D 116 -42.58 -3.63 61.94
N ASN D 117 -41.69 -4.62 62.06
CA ASN D 117 -40.43 -4.45 62.78
C ASN D 117 -39.22 -4.88 61.95
N PHE D 118 -39.40 -5.08 60.65
CA PHE D 118 -38.31 -5.49 59.77
C PHE D 118 -38.55 -4.86 58.41
N PHE D 119 -37.53 -4.18 57.89
CA PHE D 119 -37.67 -3.42 56.65
C PHE D 119 -36.44 -3.57 55.79
N LEU D 120 -36.65 -3.47 54.48
CA LEU D 120 -35.60 -3.63 53.48
C LEU D 120 -35.75 -2.52 52.44
N LEU D 121 -34.64 -1.86 52.13
CA LEU D 121 -34.62 -0.90 51.04
C LEU D 121 -33.92 -1.50 49.82
N ARG D 122 -34.16 -0.89 48.66
CA ARG D 122 -33.61 -1.38 47.41
C ARG D 122 -32.21 -0.83 47.19
N GLY D 123 -31.30 -1.70 46.76
CA GLY D 123 -29.95 -1.32 46.43
C GLY D 123 -29.70 -1.44 44.93
N ASN D 124 -28.52 -0.99 44.52
CA ASN D 124 -28.15 -1.06 43.10
C ASN D 124 -27.88 -2.49 42.64
N HIS D 125 -27.61 -3.40 43.57
CA HIS D 125 -27.46 -4.81 43.21
C HIS D 125 -28.80 -5.53 43.09
N GLU D 126 -29.89 -4.89 43.49
CA GLU D 126 -31.22 -5.47 43.34
C GLU D 126 -31.85 -5.07 42.01
N CYS D 127 -31.07 -5.25 40.94
CA CYS D 127 -31.49 -4.97 39.59
C CYS D 127 -30.96 -6.07 38.68
N ALA D 128 -31.79 -6.48 37.71
CA ALA D 128 -31.43 -7.62 36.87
C ALA D 128 -30.13 -7.38 36.13
N SER D 129 -29.89 -6.15 35.68
CA SER D 129 -28.69 -5.84 34.90
C SER D 129 -27.41 -5.91 35.73
N ILE D 130 -27.51 -5.93 37.05
CA ILE D 130 -26.34 -5.95 37.92
C ILE D 130 -26.09 -7.35 38.49
N ASN D 131 -27.10 -7.96 39.12
CA ASN D 131 -26.90 -9.26 39.76
C ASN D 131 -26.79 -10.41 38.76
N ARG D 132 -26.93 -10.13 37.46
CA ARG D 132 -26.67 -11.15 36.45
C ARG D 132 -25.17 -11.39 36.29
N ILE D 133 -24.36 -10.38 36.61
CA ILE D 133 -22.93 -10.43 36.36
C ILE D 133 -22.15 -10.74 37.63
N TYR D 134 -22.60 -10.23 38.78
CA TYR D 134 -21.78 -10.19 39.98
C TYR D 134 -22.04 -11.36 40.94
N GLY D 135 -22.52 -12.49 40.43
CA GLY D 135 -22.52 -13.74 41.17
C GLY D 135 -23.89 -14.27 41.54
N PHE D 136 -24.89 -13.39 41.70
CA PHE D 136 -26.19 -13.85 42.18
C PHE D 136 -26.87 -14.76 41.16
N TYR D 137 -26.95 -14.32 39.91
CA TYR D 137 -27.60 -15.14 38.88
C TYR D 137 -26.91 -16.48 38.72
N ASP D 138 -25.57 -16.50 38.78
CA ASP D 138 -24.86 -17.77 38.73
C ASP D 138 -25.15 -18.62 39.96
N GLU D 139 -25.47 -17.99 41.09
CA GLU D 139 -25.87 -18.75 42.26
C GLU D 139 -27.27 -19.34 42.11
N CYS D 140 -28.10 -18.76 41.25
CA CYS D 140 -29.43 -19.30 41.00
C CYS D 140 -29.44 -20.35 39.92
N LYS D 141 -28.57 -20.24 38.91
CA LYS D 141 -28.44 -21.31 37.92
C LYS D 141 -28.00 -22.61 38.60
N ARG D 142 -26.98 -22.51 39.46
CA ARG D 142 -26.41 -23.68 40.11
C ARG D 142 -27.42 -24.35 41.05
N ARG D 143 -27.83 -23.63 42.09
CA ARG D 143 -28.62 -24.26 43.15
C ARG D 143 -30.06 -24.53 42.70
N TYR D 144 -30.62 -23.66 41.86
CA TYR D 144 -32.02 -23.81 41.46
C TYR D 144 -32.20 -23.74 39.95
N ASN D 145 -32.79 -22.66 39.45
CA ASN D 145 -33.03 -22.55 38.02
C ASN D 145 -33.10 -21.07 37.63
N ILE D 146 -33.07 -20.84 36.31
CA ILE D 146 -33.14 -19.48 35.78
C ILE D 146 -34.48 -18.84 36.12
N LYS D 147 -35.56 -19.61 36.01
CA LYS D 147 -36.89 -19.06 36.24
C LYS D 147 -37.03 -18.48 37.64
N LEU D 148 -36.30 -19.03 38.61
CA LEU D 148 -36.30 -18.46 39.95
C LEU D 148 -35.59 -17.11 39.98
N TRP D 149 -34.47 -17.00 39.26
CA TRP D 149 -33.78 -15.71 39.18
C TRP D 149 -34.67 -14.63 38.59
N LYS D 150 -35.56 -15.01 37.66
CA LYS D 150 -36.52 -14.04 37.13
C LYS D 150 -37.67 -13.76 38.10
N THR D 151 -37.96 -14.70 39.02
CA THR D 151 -38.93 -14.42 40.06
C THR D 151 -38.36 -13.50 41.14
N PHE D 152 -37.07 -13.63 41.44
CA PHE D 152 -36.41 -12.66 42.31
C PHE D 152 -36.48 -11.26 41.72
N THR D 153 -36.20 -11.15 40.41
CA THR D 153 -36.18 -9.84 39.76
C THR D 153 -37.54 -9.17 39.82
N ASP D 154 -38.62 -9.93 39.59
CA ASP D 154 -39.96 -9.36 39.67
C ASP D 154 -40.33 -8.97 41.10
N CYS D 155 -39.61 -9.50 42.09
CA CYS D 155 -39.78 -9.06 43.47
C CYS D 155 -38.88 -7.88 43.80
N PHE D 156 -37.64 -7.90 43.31
CA PHE D 156 -36.72 -6.79 43.55
C PHE D 156 -37.24 -5.51 42.90
N ASN D 157 -37.89 -5.62 41.74
CA ASN D 157 -38.39 -4.44 41.04
C ASN D 157 -39.48 -3.71 41.83
N CYS D 158 -39.95 -4.27 42.95
CA CYS D 158 -40.97 -3.64 43.77
C CYS D 158 -40.46 -3.23 45.15
N LEU D 159 -39.16 -3.31 45.38
CA LEU D 159 -38.61 -2.94 46.67
C LEU D 159 -38.71 -1.43 46.88
N PRO D 160 -38.91 -0.99 48.13
CA PRO D 160 -38.99 0.45 48.40
C PRO D 160 -37.62 1.11 48.29
N ILE D 161 -37.64 2.40 47.96
CA ILE D 161 -36.43 3.12 47.59
C ILE D 161 -35.76 3.79 48.78
N ALA D 162 -36.53 4.39 49.68
CA ALA D 162 -35.93 5.15 50.77
C ALA D 162 -36.86 5.13 51.98
N ALA D 163 -36.27 5.40 53.15
CA ALA D 163 -36.99 5.45 54.41
C ALA D 163 -36.62 6.72 55.16
N ILE D 164 -37.60 7.31 55.85
CA ILE D 164 -37.40 8.53 56.63
C ILE D 164 -37.84 8.22 58.06
N VAL D 165 -36.88 8.23 58.98
CA VAL D 165 -37.11 7.84 60.36
C VAL D 165 -37.42 9.09 61.18
N ASP D 166 -38.66 9.18 61.66
CA ASP D 166 -39.10 10.26 62.56
C ASP D 166 -38.85 11.65 61.98
N GLU D 167 -38.93 11.76 60.65
CA GLU D 167 -38.78 13.04 59.96
C GLU D 167 -37.44 13.71 60.25
N LYS D 168 -36.44 12.92 60.61
CA LYS D 168 -35.12 13.45 60.93
C LYS D 168 -33.96 12.68 60.33
N ILE D 169 -34.12 11.40 59.98
CA ILE D 169 -33.06 10.60 59.38
C ILE D 169 -33.55 10.10 58.02
N PHE D 170 -32.84 10.48 56.97
CA PHE D 170 -33.16 10.07 55.61
C PHE D 170 -32.28 8.89 55.23
N CYS D 171 -32.91 7.76 54.91
CA CYS D 171 -32.20 6.52 54.64
C CYS D 171 -32.47 6.05 53.22
N CYS D 172 -31.39 5.83 52.48
CA CYS D 172 -31.45 5.19 51.16
C CYS D 172 -30.11 4.52 50.93
N HIS D 173 -29.99 3.79 49.81
CA HIS D 173 -28.76 3.06 49.56
C HIS D 173 -27.67 3.96 49.00
N GLY D 174 -27.99 4.79 48.01
CA GLY D 174 -27.00 5.62 47.37
C GLY D 174 -26.80 6.97 48.04
N GLY D 175 -27.57 7.96 47.60
CA GLY D 175 -27.45 9.30 48.18
C GLY D 175 -28.33 10.29 47.47
N LEU D 176 -27.89 11.54 47.48
CA LEU D 176 -28.70 12.63 46.94
C LEU D 176 -28.71 12.59 45.41
N SER D 177 -29.69 13.30 44.84
CA SER D 177 -29.88 13.38 43.40
C SER D 177 -30.11 14.83 43.00
N PRO D 178 -29.51 15.27 41.89
CA PRO D 178 -29.75 16.65 41.43
C PRO D 178 -31.20 16.89 41.03
N ASP D 179 -31.88 15.89 40.48
CA ASP D 179 -33.27 16.02 40.05
C ASP D 179 -34.25 15.96 41.21
N LEU D 180 -33.78 15.79 42.44
CA LEU D 180 -34.66 15.64 43.60
C LEU D 180 -34.88 17.00 44.26
N GLN D 181 -36.14 17.42 44.31
CA GLN D 181 -36.52 18.65 44.98
C GLN D 181 -37.54 18.44 46.08
N SER D 182 -38.51 17.55 45.87
CA SER D 182 -39.54 17.27 46.87
C SER D 182 -39.74 15.76 46.96
N MET D 183 -40.18 15.32 48.15
CA MET D 183 -40.35 13.89 48.38
C MET D 183 -41.43 13.29 47.49
N GLU D 184 -42.39 14.11 47.04
CA GLU D 184 -43.47 13.60 46.21
C GLU D 184 -42.95 12.99 44.92
N GLN D 185 -41.83 13.48 44.40
CA GLN D 185 -41.24 12.87 43.21
C GLN D 185 -40.73 11.46 43.49
N ILE D 186 -40.36 11.18 44.75
CA ILE D 186 -39.98 9.81 45.11
C ILE D 186 -41.22 8.92 45.15
N ARG D 187 -42.32 9.43 45.72
CA ARG D 187 -43.56 8.68 45.80
C ARG D 187 -44.29 8.61 44.45
N ARG D 188 -44.02 9.55 43.54
CA ARG D 188 -44.65 9.50 42.23
C ARG D 188 -44.20 8.29 41.44
N ILE D 189 -42.92 7.92 41.56
CA ILE D 189 -42.40 6.76 40.85
C ILE D 189 -43.12 5.51 41.34
N MET D 190 -43.75 4.79 40.43
CA MET D 190 -44.52 3.60 40.78
C MET D 190 -43.75 2.33 40.45
N ARG D 191 -44.18 1.24 41.09
CA ARG D 191 -43.50 -0.05 40.96
C ARG D 191 -44.43 -1.07 40.30
N PRO D 192 -43.85 -2.11 39.64
CA PRO D 192 -42.42 -2.44 39.51
C PRO D 192 -41.67 -1.58 38.49
N THR D 193 -40.37 -1.38 38.73
CA THR D 193 -39.51 -0.64 37.82
C THR D 193 -38.11 -1.23 37.83
N ASP D 194 -37.47 -1.22 36.66
CA ASP D 194 -36.02 -1.36 36.62
C ASP D 194 -35.37 -0.08 37.13
N VAL D 195 -34.12 -0.20 37.55
CA VAL D 195 -33.31 0.95 37.94
C VAL D 195 -32.66 1.49 36.69
N PRO D 196 -33.07 2.65 36.16
CA PRO D 196 -32.58 3.12 34.87
C PRO D 196 -31.13 3.56 34.96
N ASP D 197 -30.54 3.76 33.79
CA ASP D 197 -29.12 4.10 33.69
C ASP D 197 -28.82 5.55 34.00
N GLN D 198 -29.83 6.41 34.09
CA GLN D 198 -29.64 7.81 34.43
C GLN D 198 -30.97 8.48 34.77
N GLY D 199 -31.04 9.14 35.91
CA GLY D 199 -32.24 9.83 36.33
C GLY D 199 -32.33 9.88 37.85
N LEU D 200 -33.50 10.31 38.32
CA LEU D 200 -33.72 10.48 39.75
C LEU D 200 -33.61 9.15 40.49
N LEU D 201 -34.36 8.14 40.05
CA LEU D 201 -34.28 6.82 40.68
C LEU D 201 -32.86 6.26 40.56
N CYS D 202 -32.20 6.51 39.42
CA CYS D 202 -30.85 6.02 39.23
C CYS D 202 -29.89 6.57 40.28
N ASP D 203 -29.98 7.88 40.55
CA ASP D 203 -29.03 8.52 41.46
C ASP D 203 -29.24 8.07 42.91
N LEU D 204 -30.51 7.94 43.33
CA LEU D 204 -30.81 7.56 44.71
C LEU D 204 -30.20 6.22 45.09
N LEU D 205 -29.82 5.40 44.12
CA LEU D 205 -29.26 4.08 44.38
C LEU D 205 -27.79 3.95 43.97
N TRP D 206 -27.18 5.02 43.48
CA TRP D 206 -25.80 4.94 42.99
C TRP D 206 -24.89 6.07 43.42
N SER D 207 -25.40 7.23 43.82
CA SER D 207 -24.54 8.38 44.07
C SER D 207 -23.73 8.21 45.34
N ASP D 208 -22.56 8.84 45.36
CA ASP D 208 -21.64 8.82 46.48
C ASP D 208 -21.37 10.23 46.98
N PRO D 209 -20.95 10.38 48.22
CA PRO D 209 -20.42 11.67 48.67
C PRO D 209 -18.97 11.84 48.28
N ASP D 210 -18.60 13.07 47.94
CA ASP D 210 -17.24 13.40 47.56
C ASP D 210 -16.84 14.71 48.24
N LYS D 211 -15.64 14.73 48.80
CA LYS D 211 -15.16 15.90 49.54
C LYS D 211 -14.46 16.91 48.65
N ASP D 212 -13.71 16.45 47.65
CA ASP D 212 -12.93 17.35 46.80
C ASP D 212 -13.78 18.07 45.76
N VAL D 213 -15.07 17.75 45.64
CA VAL D 213 -15.97 18.40 44.71
C VAL D 213 -16.90 19.31 45.49
N GLN D 214 -17.12 20.52 44.96
CA GLN D 214 -17.94 21.50 45.67
C GLN D 214 -19.42 21.12 45.62
N GLY D 215 -19.92 20.76 44.44
CA GLY D 215 -21.31 20.40 44.28
C GLY D 215 -21.51 19.04 43.67
N TRP D 216 -22.03 19.00 42.44
CA TRP D 216 -22.26 17.76 41.72
C TRP D 216 -21.12 17.53 40.73
N GLY D 217 -20.40 16.41 40.89
CA GLY D 217 -19.35 16.02 39.99
C GLY D 217 -19.61 14.63 39.43
N GLU D 218 -18.87 14.29 38.38
CA GLU D 218 -19.04 12.99 37.75
C GLU D 218 -18.51 11.89 38.64
N ASN D 219 -19.18 10.74 38.60
CA ASN D 219 -18.86 9.62 39.48
C ASN D 219 -17.90 8.66 38.80
N ASP D 220 -17.07 7.99 39.61
CA ASP D 220 -16.08 7.07 39.07
C ASP D 220 -16.72 5.86 38.41
N ARG D 221 -17.87 5.41 38.93
CA ARG D 221 -18.50 4.20 38.43
C ARG D 221 -19.13 4.40 37.05
N GLY D 222 -19.16 5.62 36.57
CA GLY D 222 -19.79 5.88 35.31
C GLY D 222 -21.29 5.95 35.43
N VAL D 223 -21.79 5.86 36.64
CA VAL D 223 -23.21 5.96 36.88
C VAL D 223 -23.45 6.94 38.00
N SER D 224 -24.44 7.80 37.83
CA SER D 224 -24.78 8.77 38.84
C SER D 224 -23.76 9.86 38.97
N PHE D 225 -23.84 10.55 40.09
CA PHE D 225 -23.00 11.68 40.41
C PHE D 225 -22.42 11.59 41.80
N THR D 226 -21.51 12.51 42.08
CA THR D 226 -20.91 12.67 43.39
C THR D 226 -21.29 14.05 43.91
N PHE D 227 -21.74 14.13 45.15
CA PHE D 227 -22.19 15.38 45.74
C PHE D 227 -21.29 15.78 46.89
N GLY D 228 -21.14 17.09 47.08
CA GLY D 228 -20.31 17.64 48.12
C GLY D 228 -21.09 17.98 49.39
N ALA D 229 -20.33 18.43 50.39
CA ALA D 229 -20.93 18.76 51.68
C ALA D 229 -21.87 19.96 51.59
N GLU D 230 -21.62 20.87 50.65
CA GLU D 230 -22.52 22.00 50.45
C GLU D 230 -23.88 21.55 49.92
N VAL D 231 -23.89 20.51 49.07
CA VAL D 231 -25.16 19.97 48.61
C VAL D 231 -25.85 19.21 49.74
N VAL D 232 -25.08 18.58 50.62
CA VAL D 232 -25.66 17.92 51.79
C VAL D 232 -26.37 18.94 52.68
N ALA D 233 -25.75 20.11 52.86
CA ALA D 233 -26.32 21.12 53.74
C ALA D 233 -27.59 21.73 53.15
N LYS D 234 -27.59 21.98 51.84
CA LYS D 234 -28.77 22.57 51.20
C LYS D 234 -29.96 21.62 51.24
N PHE D 235 -29.71 20.31 51.04
CA PHE D 235 -30.79 19.34 51.10
C PHE D 235 -31.31 19.18 52.52
N LEU D 236 -30.40 19.09 53.50
CA LEU D 236 -30.82 18.92 54.89
C LEU D 236 -31.64 20.10 55.38
N HIS D 237 -31.28 21.31 54.96
CA HIS D 237 -31.99 22.50 55.42
C HIS D 237 -33.29 22.71 54.68
N LYS D 238 -33.41 22.22 53.45
CA LYS D 238 -34.61 22.44 52.66
C LYS D 238 -35.77 21.53 53.07
N HIS D 239 -35.46 20.31 53.51
CA HIS D 239 -36.50 19.33 53.85
C HIS D 239 -36.57 19.05 55.34
N ASP D 240 -35.98 19.92 56.17
CA ASP D 240 -36.03 19.79 57.63
C ASP D 240 -35.52 18.43 58.09
N LEU D 241 -34.32 18.08 57.63
CA LEU D 241 -33.69 16.82 57.98
C LEU D 241 -32.32 17.08 58.60
N ASP D 242 -31.93 16.20 59.52
CA ASP D 242 -30.69 16.38 60.28
C ASP D 242 -29.63 15.32 60.02
N LEU D 243 -29.93 14.28 59.25
CA LEU D 243 -28.97 13.22 59.00
C LEU D 243 -29.42 12.40 57.79
N ILE D 244 -28.47 12.11 56.90
CA ILE D 244 -28.69 11.24 55.75
C ILE D 244 -27.85 10.00 55.95
N CYS D 245 -28.50 8.83 55.97
CA CYS D 245 -27.84 7.56 56.19
C CYS D 245 -27.86 6.76 54.89
N ARG D 246 -26.71 6.21 54.52
CA ARG D 246 -26.58 5.50 53.26
C ARG D 246 -25.47 4.45 53.38
N ALA D 247 -25.32 3.67 52.31
CA ALA D 247 -24.31 2.62 52.26
C ALA D 247 -23.52 2.71 50.97
N HIS D 248 -23.52 1.63 50.18
CA HIS D 248 -22.99 1.58 48.82
C HIS D 248 -21.49 1.88 48.74
N GLN D 249 -20.82 2.06 49.87
CA GLN D 249 -19.39 2.34 49.87
C GLN D 249 -18.72 1.62 51.03
N VAL D 250 -17.71 0.82 50.73
CA VAL D 250 -16.99 0.09 51.78
C VAL D 250 -16.12 1.06 52.56
N VAL D 251 -16.15 0.94 53.88
CA VAL D 251 -15.35 1.78 54.77
C VAL D 251 -14.60 0.88 55.74
N GLU D 252 -13.50 1.42 56.29
CA GLU D 252 -12.60 0.60 57.10
C GLU D 252 -13.23 0.23 58.44
N ASP D 253 -13.77 1.21 59.15
CA ASP D 253 -14.31 0.98 60.49
C ASP D 253 -15.79 0.59 60.46
N GLY D 254 -16.34 0.25 59.30
CA GLY D 254 -17.74 -0.13 59.22
C GLY D 254 -18.68 1.05 59.18
N TYR D 255 -18.28 2.15 59.84
CA TYR D 255 -19.02 3.40 59.81
C TYR D 255 -18.08 4.50 59.36
N GLU D 256 -18.65 5.58 58.83
CA GLU D 256 -17.86 6.71 58.37
C GLU D 256 -18.72 7.95 58.33
N PHE D 257 -18.24 9.01 58.98
CA PHE D 257 -18.96 10.28 59.01
C PHE D 257 -18.58 11.14 57.80
N PHE D 258 -19.43 12.12 57.52
CA PHE D 258 -19.23 13.02 56.39
C PHE D 258 -19.91 14.34 56.66
N ALA D 259 -19.26 15.43 56.25
CA ALA D 259 -19.79 16.79 56.38
C ALA D 259 -20.09 17.14 57.84
N LYS D 260 -19.11 16.87 58.70
CA LYS D 260 -19.23 17.15 60.14
C LYS D 260 -20.46 16.46 60.72
N ARG D 261 -20.54 15.15 60.51
CA ARG D 261 -21.63 14.31 61.02
C ARG D 261 -22.99 14.71 60.45
N GLN D 262 -23.01 15.23 59.22
CA GLN D 262 -24.26 15.45 58.51
C GLN D 262 -24.69 14.23 57.71
N LEU D 263 -23.78 13.30 57.46
CA LEU D 263 -24.07 12.08 56.71
C LEU D 263 -23.22 10.96 57.29
N VAL D 264 -23.71 9.74 57.17
CA VAL D 264 -23.00 8.57 57.69
C VAL D 264 -23.15 7.42 56.70
N THR D 265 -22.06 6.72 56.45
CA THR D 265 -22.03 5.55 55.59
C THR D 265 -21.94 4.29 56.44
N LEU D 266 -22.82 3.33 56.18
CA LEU D 266 -22.85 2.07 56.90
C LEU D 266 -22.49 0.93 55.97
N PHE D 267 -21.53 0.10 56.39
CA PHE D 267 -21.21 -1.14 55.71
C PHE D 267 -21.23 -2.26 56.75
N SER D 268 -21.99 -3.32 56.47
CA SER D 268 -22.24 -4.37 57.44
C SER D 268 -21.49 -5.66 57.16
N ALA D 269 -20.83 -5.79 56.01
CA ALA D 269 -20.16 -7.03 55.64
C ALA D 269 -18.67 -6.93 55.94
N PRO D 270 -18.17 -7.53 57.03
CA PRO D 270 -16.75 -7.48 57.31
C PRO D 270 -15.96 -8.44 56.43
N ASN D 271 -14.71 -8.08 56.17
CA ASN D 271 -13.86 -8.80 55.23
C ASN D 271 -14.56 -8.94 53.87
N TYR D 272 -14.91 -7.78 53.32
CA TYR D 272 -15.70 -7.69 52.09
C TYR D 272 -15.12 -8.53 50.97
N CYS D 273 -15.75 -9.67 50.69
CA CYS D 273 -15.34 -10.65 49.68
C CYS D 273 -13.83 -10.90 49.66
N GLY D 274 -13.19 -10.83 50.82
CA GLY D 274 -11.79 -11.18 50.95
C GLY D 274 -10.82 -10.10 50.51
N GLU D 275 -11.20 -9.31 49.52
CA GLU D 275 -10.27 -8.31 48.96
C GLU D 275 -9.93 -7.22 49.97
N PHE D 276 -10.85 -6.91 50.88
CA PHE D 276 -10.63 -5.90 51.90
C PHE D 276 -10.57 -6.53 53.28
N ASP D 277 -9.79 -5.91 54.17
CA ASP D 277 -9.70 -6.34 55.57
C ASP D 277 -10.50 -5.43 56.49
N ASN D 278 -11.61 -4.88 56.00
CA ASN D 278 -12.38 -3.91 56.75
C ASN D 278 -13.24 -4.58 57.82
N ALA D 279 -13.98 -3.75 58.54
CA ALA D 279 -14.87 -4.16 59.61
C ALA D 279 -16.32 -3.91 59.22
N GLY D 280 -17.23 -4.59 59.91
CA GLY D 280 -18.66 -4.45 59.67
C GLY D 280 -19.34 -3.78 60.83
N ALA D 281 -20.28 -2.87 60.53
CA ALA D 281 -20.94 -2.09 61.56
C ALA D 281 -22.39 -1.83 61.17
N MET D 282 -23.23 -1.70 62.20
CA MET D 282 -24.61 -1.27 62.04
C MET D 282 -24.88 -0.14 63.02
N MET D 283 -25.83 0.72 62.68
CA MET D 283 -26.16 1.89 63.49
C MET D 283 -27.43 1.63 64.29
N SER D 284 -27.31 1.72 65.61
CA SER D 284 -28.44 1.54 66.51
C SER D 284 -28.97 2.90 66.94
N VAL D 285 -30.28 3.12 66.77
CA VAL D 285 -30.91 4.40 67.02
C VAL D 285 -31.99 4.23 68.08
N ASP D 286 -31.99 5.11 69.07
CA ASP D 286 -33.01 5.11 70.11
C ASP D 286 -34.21 5.95 69.66
N GLU D 287 -35.28 5.89 70.47
CA GLU D 287 -36.41 6.77 70.24
C GLU D 287 -36.03 8.22 70.44
N THR D 288 -35.06 8.50 71.32
CA THR D 288 -34.52 9.83 71.52
C THR D 288 -33.66 10.29 70.36
N LEU D 289 -33.59 9.50 69.28
CA LEU D 289 -32.74 9.79 68.13
C LEU D 289 -31.27 9.90 68.53
N MET D 290 -30.88 9.16 69.56
CA MET D 290 -29.48 9.05 69.95
C MET D 290 -28.90 7.79 69.31
N CYS D 291 -27.76 7.93 68.65
CA CYS D 291 -27.21 6.90 67.78
C CYS D 291 -25.96 6.29 68.38
N SER D 292 -25.85 4.96 68.29
CA SER D 292 -24.68 4.21 68.72
C SER D 292 -24.28 3.25 67.63
N PHE D 293 -22.98 3.14 67.38
CA PHE D 293 -22.47 2.27 66.33
C PHE D 293 -22.05 0.93 66.93
N GLN D 294 -22.59 -0.15 66.38
CA GLN D 294 -22.29 -1.51 66.82
C GLN D 294 -21.44 -2.18 65.74
N ILE D 295 -20.22 -2.59 66.10
CA ILE D 295 -19.23 -3.02 65.12
C ILE D 295 -18.83 -4.47 65.39
N LEU D 296 -18.81 -5.28 64.33
CA LEU D 296 -18.30 -6.64 64.39
C LEU D 296 -17.00 -6.67 63.57
N LYS D 297 -15.84 -6.54 64.28
CA LYS D 297 -14.58 -6.58 63.56
C LYS D 297 -14.00 -7.99 63.57
N PRO D 298 -13.36 -8.41 62.48
CA PRO D 298 -12.57 -9.65 62.53
C PRO D 298 -11.25 -9.41 63.25
N ALA D 299 -10.64 -10.51 63.68
CA ALA D 299 -9.37 -10.45 64.40
C ALA D 299 -8.34 -11.40 63.81
N THR E 61 20.30 -8.23 8.57
CA THR E 61 19.58 -7.61 9.67
C THR E 61 18.34 -6.86 9.18
N ARG E 62 18.40 -6.40 7.94
CA ARG E 62 17.31 -5.65 7.32
C ARG E 62 16.60 -6.49 6.28
N ARG E 63 15.49 -5.95 5.78
CA ARG E 63 14.72 -6.60 4.72
C ARG E 63 13.88 -5.55 4.02
N VAL E 64 13.75 -5.69 2.70
CA VAL E 64 12.99 -4.73 1.90
C VAL E 64 11.49 -4.95 2.14
N SER E 65 10.77 -3.85 2.30
CA SER E 65 9.32 -3.89 2.48
C SER E 65 8.67 -2.84 1.59
N PHE E 66 7.34 -2.83 1.57
CA PHE E 66 6.59 -1.89 0.76
C PHE E 66 5.45 -1.29 1.58
N ALA E 67 5.01 -0.10 1.17
CA ALA E 67 3.95 0.60 1.89
C ALA E 67 2.62 -0.13 1.77
N ASP E 68 2.36 -0.73 0.60
CA ASP E 68 1.13 -1.51 0.43
C ASP E 68 1.09 -2.70 1.36
N SER E 69 2.26 -3.22 1.77
CA SER E 69 2.30 -4.35 2.67
C SER E 69 1.77 -3.99 4.06
N PHE E 70 1.99 -2.76 4.50
CA PHE E 70 1.67 -2.35 5.86
C PHE E 70 0.41 -1.50 5.94
N GLY E 71 -0.30 -1.30 4.83
CA GLY E 71 -1.53 -0.53 4.83
C GLY E 71 -1.35 0.94 4.53
N PHE E 72 -0.13 1.46 4.55
CA PHE E 72 0.11 2.83 4.13
C PHE E 72 -0.22 2.99 2.66
N ASN E 73 -0.39 4.25 2.25
CA ASN E 73 -0.59 4.55 0.83
C ASN E 73 0.71 4.34 0.08
N LEU E 74 0.67 3.49 -0.96
CA LEU E 74 1.89 3.16 -1.68
C LEU E 74 2.36 4.33 -2.54
N VAL E 75 1.44 5.05 -3.14
CA VAL E 75 1.75 6.06 -4.15
C VAL E 75 1.31 7.43 -3.65
N SER E 76 2.19 8.41 -3.81
CA SER E 76 1.89 9.81 -3.48
C SER E 76 1.80 10.59 -4.80
N VAL E 77 0.62 11.16 -5.08
CA VAL E 77 0.27 11.70 -6.40
C VAL E 77 0.35 13.22 -6.35
N LYS E 78 0.94 13.80 -7.40
CA LYS E 78 0.90 15.25 -7.59
C LYS E 78 0.54 15.55 -9.04
N GLU E 79 -0.31 16.56 -9.21
CA GLU E 79 -0.75 17.01 -10.53
C GLU E 79 -0.17 18.38 -10.86
N PHE E 80 -0.11 18.67 -12.16
CA PHE E 80 0.42 19.92 -12.67
C PHE E 80 -0.01 20.08 -14.11
N ASP E 81 0.11 21.30 -14.62
CA ASP E 81 -0.22 21.60 -16.01
C ASP E 81 0.34 22.97 -16.39
N THR F 61 -31.05 -13.33 -8.26
CA THR F 61 -31.14 -14.54 -9.07
C THR F 61 -29.89 -15.39 -8.91
N ARG F 62 -29.36 -15.45 -7.69
CA ARG F 62 -28.18 -16.25 -7.37
C ARG F 62 -28.48 -17.13 -6.16
N ARG F 63 -27.61 -18.10 -5.93
CA ARG F 63 -27.72 -19.00 -4.79
C ARG F 63 -26.38 -19.08 -4.08
N VAL F 64 -26.42 -19.11 -2.75
CA VAL F 64 -25.20 -19.21 -1.96
C VAL F 64 -24.57 -20.58 -2.15
N SER F 65 -23.25 -20.60 -2.33
CA SER F 65 -22.49 -21.83 -2.50
C SER F 65 -21.34 -21.84 -1.51
N PHE F 66 -20.56 -22.92 -1.52
CA PHE F 66 -19.40 -23.05 -0.66
C PHE F 66 -18.24 -23.63 -1.45
N ALA F 67 -17.03 -23.31 -1.00
CA ALA F 67 -15.83 -23.70 -1.73
C ALA F 67 -15.65 -25.21 -1.74
N ASP F 68 -15.92 -25.87 -0.61
CA ASP F 68 -15.84 -27.33 -0.54
C ASP F 68 -16.83 -27.98 -1.50
N SER F 69 -18.01 -27.39 -1.65
CA SER F 69 -19.02 -27.94 -2.56
C SER F 69 -18.50 -27.99 -4.00
N PHE F 70 -17.62 -27.07 -4.37
CA PHE F 70 -17.10 -26.97 -5.74
C PHE F 70 -15.71 -27.56 -5.89
N GLY F 71 -15.23 -28.31 -4.90
CA GLY F 71 -13.91 -28.89 -4.95
C GLY F 71 -12.80 -27.97 -4.45
N PHE F 72 -13.06 -26.67 -4.34
CA PHE F 72 -12.08 -25.76 -3.77
C PHE F 72 -11.83 -26.09 -2.30
N ASN F 73 -10.66 -25.71 -1.82
CA ASN F 73 -10.37 -25.83 -0.40
C ASN F 73 -11.17 -24.78 0.37
N LEU F 74 -11.97 -25.23 1.33
CA LEU F 74 -12.89 -24.33 2.03
C LEU F 74 -12.14 -23.37 2.95
N VAL F 75 -10.97 -23.77 3.45
CA VAL F 75 -10.28 -23.03 4.50
C VAL F 75 -8.84 -22.78 4.08
N SER F 76 -8.39 -21.54 4.22
CA SER F 76 -7.00 -21.15 4.01
C SER F 76 -6.41 -20.75 5.35
N VAL F 77 -5.42 -21.51 5.83
CA VAL F 77 -4.90 -21.37 7.18
C VAL F 77 -3.59 -20.59 7.14
N LYS F 78 -3.44 -19.64 8.06
CA LYS F 78 -2.22 -18.87 8.21
C LYS F 78 -1.81 -18.92 9.67
N GLU F 79 -0.66 -19.54 9.95
CA GLU F 79 -0.16 -19.58 11.32
C GLU F 79 0.70 -18.35 11.60
N PHE F 80 0.84 -18.04 12.89
CA PHE F 80 1.69 -16.94 13.33
C PHE F 80 2.24 -17.30 14.72
N ASP F 81 2.95 -16.36 15.32
CA ASP F 81 3.50 -16.54 16.66
C ASP F 81 2.66 -15.82 17.70
N ARG G 62 -38.43 16.65 68.89
CA ARG G 62 -37.43 15.61 68.72
C ARG G 62 -36.36 16.00 67.71
N ARG G 63 -35.10 15.85 68.10
CA ARG G 63 -33.98 16.14 67.22
C ARG G 63 -32.93 15.06 67.38
N VAL G 64 -32.07 14.93 66.36
CA VAL G 64 -31.07 13.88 66.34
C VAL G 64 -29.94 14.24 67.30
N SER G 65 -29.46 13.22 68.02
CA SER G 65 -28.31 13.35 68.91
C SER G 65 -27.37 12.18 68.68
N PHE G 66 -26.17 12.27 69.25
CA PHE G 66 -25.17 11.23 69.11
C PHE G 66 -24.65 10.82 70.50
N ALA G 67 -24.00 9.66 70.54
CA ALA G 67 -23.55 9.11 71.80
C ALA G 67 -22.36 9.87 72.38
N ASP G 68 -21.48 10.37 71.51
CA ASP G 68 -20.28 11.07 72.00
C ASP G 68 -20.64 12.34 72.76
N SER G 69 -21.74 13.01 72.38
CA SER G 69 -22.10 14.27 73.01
C SER G 69 -22.50 14.08 74.47
N PHE G 70 -23.22 13.00 74.77
CA PHE G 70 -23.79 12.77 76.09
C PHE G 70 -22.93 11.88 76.97
N GLY G 71 -21.62 11.87 76.75
CA GLY G 71 -20.69 11.19 77.62
C GLY G 71 -20.64 9.68 77.50
N PHE G 72 -21.29 9.11 76.49
CA PHE G 72 -21.24 7.68 76.26
C PHE G 72 -20.33 7.37 75.08
N ASN G 73 -19.79 6.15 75.07
CA ASN G 73 -18.89 5.74 74.01
C ASN G 73 -19.65 5.61 72.68
N LEU G 74 -18.90 5.73 71.59
CA LEU G 74 -19.50 5.75 70.25
C LEU G 74 -19.54 4.38 69.60
N VAL G 75 -18.59 3.50 69.94
CA VAL G 75 -18.39 2.25 69.20
C VAL G 75 -18.40 1.09 70.18
N SER G 76 -19.09 0.00 69.80
CA SER G 76 -19.09 -1.26 70.55
C SER G 76 -18.41 -2.31 69.68
N VAL G 77 -17.28 -2.83 70.15
CA VAL G 77 -16.44 -3.72 69.35
C VAL G 77 -16.70 -5.17 69.78
N LYS G 78 -16.96 -6.05 68.81
CA LYS G 78 -16.93 -7.49 69.01
C LYS G 78 -16.01 -8.10 67.97
N GLU G 79 -15.37 -9.21 68.34
CA GLU G 79 -14.35 -9.84 67.51
C GLU G 79 -14.67 -11.30 67.34
N PHE G 80 -14.46 -11.80 66.12
CA PHE G 80 -14.70 -13.20 65.78
C PHE G 80 -13.49 -13.74 65.03
N ASP G 81 -13.53 -15.04 64.73
CA ASP G 81 -12.48 -15.71 63.99
C ASP G 81 -12.93 -16.05 62.57
N THR H 61 52.25 4.81 -68.77
CA THR H 61 50.99 4.30 -68.25
C THR H 61 49.86 5.29 -68.56
N ARG H 62 48.63 4.78 -68.60
CA ARG H 62 47.48 5.63 -68.93
C ARG H 62 47.17 6.59 -67.80
N ARG H 63 46.78 7.81 -68.17
CA ARG H 63 46.44 8.86 -67.23
C ARG H 63 44.96 9.21 -67.39
N VAL H 64 44.38 9.73 -66.30
CA VAL H 64 42.96 10.06 -66.29
C VAL H 64 42.69 11.24 -67.21
N SER H 65 41.57 11.19 -67.92
CA SER H 65 41.08 12.30 -68.74
C SER H 65 39.58 12.43 -68.52
N PHE H 66 39.02 13.53 -69.03
CA PHE H 66 37.60 13.80 -68.92
C PHE H 66 37.01 14.05 -70.31
N ALA H 67 35.69 13.82 -70.42
CA ALA H 67 35.03 13.96 -71.71
C ALA H 67 34.99 15.42 -72.17
N ASP H 68 34.87 16.37 -71.23
CA ASP H 68 34.86 17.78 -71.61
C ASP H 68 36.19 18.25 -72.15
N SER H 69 37.29 17.54 -71.85
CA SER H 69 38.59 17.94 -72.37
C SER H 69 38.75 17.57 -73.83
N PHE H 70 38.07 16.51 -74.28
CA PHE H 70 38.18 16.03 -75.65
C PHE H 70 37.01 16.46 -76.53
N GLY H 71 36.14 17.33 -76.03
CA GLY H 71 35.00 17.81 -76.78
C GLY H 71 33.73 17.02 -76.61
N PHE H 72 33.79 15.83 -76.01
CA PHE H 72 32.60 15.03 -75.80
C PHE H 72 31.77 15.61 -74.66
N ASN H 73 30.46 15.45 -74.77
CA ASN H 73 29.55 15.94 -73.72
C ASN H 73 29.73 15.09 -72.46
N LEU H 74 29.95 15.76 -71.33
CA LEU H 74 30.25 15.06 -70.09
C LEU H 74 29.00 14.49 -69.42
N VAL H 75 27.84 15.08 -69.66
CA VAL H 75 26.61 14.71 -68.96
C VAL H 75 25.65 14.08 -69.96
N SER H 76 25.07 12.95 -69.58
CA SER H 76 24.04 12.27 -70.36
C SER H 76 22.79 12.16 -69.48
N VAL H 77 21.71 12.83 -69.87
CA VAL H 77 20.55 13.03 -69.01
C VAL H 77 19.48 12.00 -69.36
N LYS H 78 18.86 11.42 -68.33
CA LYS H 78 17.71 10.54 -68.48
C LYS H 78 16.66 10.94 -67.46
N GLU H 79 15.40 10.95 -67.88
CA GLU H 79 14.31 11.43 -67.04
C GLU H 79 13.26 10.35 -66.89
N PHE H 80 12.55 10.41 -65.78
CA PHE H 80 11.52 9.43 -65.45
C PHE H 80 10.48 10.10 -64.56
N ASP H 81 9.51 9.30 -64.10
CA ASP H 81 8.48 9.79 -63.20
C ASP H 81 7.70 8.62 -62.60
#